data_2RCY
#
_entry.id   2RCY
#
_cell.length_a   160.207
_cell.length_b   113.741
_cell.length_c   82.651
_cell.angle_alpha   90.000
_cell.angle_beta   105.710
_cell.angle_gamma   90.000
#
_symmetry.space_group_name_H-M   'C 1 2 1'
#
loop_
_entity.id
_entity.type
_entity.pdbx_description
1 polymer 'Pyrroline carboxylate reductase'
2 non-polymer 'MAGNESIUM ION'
3 non-polymer 'NADP NICOTINAMIDE-ADENINE-DINUCLEOTIDE PHOSPHATE'
4 non-polymer GLYCEROL
5 water water
#
_entity_poly.entity_id   1
_entity_poly.type   'polypeptide(L)'
_entity_poly.pdbx_seq_one_letter_code
;G(MSE)ENIKLGF(MSE)GLGQ(MSE)GSALAHGIANANIIKKENLFYYGPSKKNTTLNY(MSE)SSNEELARHCDIIVC
AVKPDIAGSVLNNIKPYLSSKLLISICGGLNIGKLEE(MSE)VGSENKIVWV(MSE)PNTPCLVGEGSFIYCSNKNVNST
DKKYVNDIFNSCGIIHEIKEKD(MSE)DIATAISGCGPAYVYLFIESLIDAGVKNGLSRELSKNLVLQTIKGSVE(MSE)
VKKSDQPVQQLKDNIVSPGGITAVGLYSLEKNSFKYTV(MSE)NAVEAACEKSKA(MSE)GS
;
_entity_poly.pdbx_strand_id   A,B,C,D,E
#
# COMPACT_ATOMS: atom_id res chain seq x y z
N GLY A 1 -30.23 -6.42 32.43
CA GLY A 1 -31.31 -5.40 32.49
C GLY A 1 -30.86 -4.02 32.05
N GLU A 3 -33.61 -2.33 29.93
CA GLU A 3 -34.86 -1.97 29.27
C GLU A 3 -35.59 -0.80 29.94
N ASN A 4 -35.28 -0.58 31.22
CA ASN A 4 -35.95 0.46 32.01
C ASN A 4 -35.33 1.85 31.98
N ILE A 5 -34.01 1.91 31.79
CA ILE A 5 -33.31 3.20 31.76
C ILE A 5 -33.66 4.02 30.53
N LYS A 6 -33.73 5.34 30.71
CA LYS A 6 -34.12 6.24 29.64
C LYS A 6 -32.90 6.89 29.00
N LEU A 7 -32.78 6.71 27.68
CA LEU A 7 -31.65 7.23 26.92
C LEU A 7 -32.07 8.50 26.18
N GLY A 8 -31.27 9.55 26.30
CA GLY A 8 -31.56 10.82 25.66
C GLY A 8 -30.46 11.30 24.73
N PHE A 9 -30.84 11.69 23.53
CA PHE A 9 -29.89 12.17 22.53
C PHE A 9 -30.06 13.66 22.26
N GLY A 11 -29.42 16.27 20.11
CA GLY A 11 -29.04 16.45 18.70
C GLY A 11 -29.11 15.15 17.93
N LEU A 12 -29.82 15.18 16.79
CA LEU A 12 -29.89 14.02 15.90
C LEU A 12 -29.40 14.34 14.49
N GLY A 13 -28.11 14.65 14.39
CA GLY A 13 -27.49 14.93 13.09
C GLY A 13 -27.14 13.66 12.37
N GLN A 14 -25.98 13.67 11.71
CA GLN A 14 -25.53 12.50 10.97
C GLN A 14 -25.01 11.40 11.90
N GLY A 16 -25.66 11.52 15.46
CA GLY A 16 -26.72 11.34 16.44
C GLY A 16 -27.77 10.31 16.02
N SER A 17 -28.26 10.46 14.80
CA SER A 17 -29.29 9.55 14.26
C SER A 17 -28.75 8.15 13.99
N ALA A 18 -27.51 8.07 13.51
CA ALA A 18 -26.85 6.79 13.24
C ALA A 18 -26.66 5.99 14.54
N LEU A 19 -26.30 6.68 15.61
CA LEU A 19 -26.13 6.04 16.92
C LEU A 19 -27.47 5.70 17.54
N ALA A 20 -28.44 6.61 17.42
CA ALA A 20 -29.77 6.43 17.97
C ALA A 20 -30.48 5.23 17.35
N HIS A 21 -30.47 5.15 16.03
CA HIS A 21 -31.11 4.05 15.30
C HIS A 21 -30.33 2.75 15.41
N GLY A 22 -29.02 2.87 15.67
CA GLY A 22 -28.16 1.71 15.88
C GLY A 22 -28.51 0.97 17.15
N ILE A 23 -28.82 1.72 18.21
CA ILE A 23 -29.23 1.16 19.50
C ILE A 23 -30.70 0.72 19.45
N ALA A 24 -31.51 1.48 18.71
CA ALA A 24 -32.94 1.18 18.53
C ALA A 24 -33.18 -0.17 17.86
N ASN A 25 -32.38 -0.46 16.84
CA ASN A 25 -32.48 -1.74 16.11
C ASN A 25 -31.87 -2.91 16.87
N ALA A 26 -30.97 -2.60 17.81
CA ALA A 26 -30.30 -3.62 18.63
C ALA A 26 -31.23 -4.20 19.71
N ASN A 27 -32.28 -3.45 20.04
CA ASN A 27 -33.26 -3.84 21.06
C ASN A 27 -32.65 -4.29 22.39
N ILE A 28 -32.11 -3.33 23.13
CA ILE A 28 -31.62 -3.54 24.49
C ILE A 28 -32.38 -2.62 25.45
N ILE A 29 -32.92 -1.54 24.89
CA ILE A 29 -33.75 -0.60 25.63
C ILE A 29 -35.06 -0.41 24.87
N LYS A 30 -36.17 -0.32 25.60
CA LYS A 30 -37.50 -0.20 25.01
C LYS A 30 -37.65 1.08 24.18
N LYS A 31 -38.41 0.97 23.09
CA LYS A 31 -38.63 2.07 22.15
C LYS A 31 -39.17 3.34 22.82
N GLU A 32 -40.03 3.15 23.82
CA GLU A 32 -40.62 4.26 24.56
C GLU A 32 -39.66 4.88 25.59
N ASN A 33 -38.43 4.36 25.65
CA ASN A 33 -37.40 4.88 26.54
C ASN A 33 -36.23 5.53 25.81
N LEU A 34 -36.38 5.71 24.49
CA LEU A 34 -35.40 6.44 23.69
C LEU A 34 -35.94 7.82 23.33
N PHE A 35 -35.21 8.86 23.72
CA PHE A 35 -35.65 10.25 23.54
C PHE A 35 -34.60 11.09 22.81
N TYR A 36 -35.04 12.22 22.25
CA TYR A 36 -34.14 13.14 21.56
C TYR A 36 -34.69 14.57 21.55
N TYR A 37 -33.77 15.54 21.37
CA TYR A 37 -34.16 16.92 21.06
C TYR A 37 -33.28 17.52 19.98
N GLY A 38 -33.91 18.33 19.12
CA GLY A 38 -33.22 19.15 18.13
C GLY A 38 -34.03 20.41 17.87
N PRO A 39 -33.39 21.45 17.31
CA PRO A 39 -34.10 22.68 16.95
C PRO A 39 -35.16 22.46 15.87
N SER A 40 -35.07 21.31 15.19
CA SER A 40 -36.06 20.87 14.23
C SER A 40 -36.34 19.38 14.42
N LYS A 41 -37.61 19.00 14.32
CA LYS A 41 -38.03 17.59 14.46
C LYS A 41 -37.46 16.76 13.32
N LYS A 42 -37.05 15.54 13.64
CA LYS A 42 -36.39 14.66 12.67
C LYS A 42 -37.25 13.46 12.32
N ASN A 43 -37.04 12.91 11.13
CA ASN A 43 -37.70 11.68 10.71
C ASN A 43 -37.06 10.49 11.42
N THR A 44 -37.58 10.17 12.61
CA THR A 44 -37.00 9.16 13.48
C THR A 44 -38.05 8.45 14.34
N THR A 45 -37.71 7.24 14.79
CA THR A 45 -38.59 6.45 15.64
C THR A 45 -38.51 6.87 17.11
N LEU A 46 -37.47 7.63 17.45
CA LEU A 46 -37.26 8.12 18.81
C LEU A 46 -38.27 9.20 19.20
N ASN A 47 -38.58 9.25 20.49
CA ASN A 47 -39.57 10.18 21.02
C ASN A 47 -39.02 11.58 21.21
N TYR A 48 -39.67 12.56 20.58
CA TYR A 48 -39.26 13.96 20.66
C TYR A 48 -39.52 14.55 22.04
N SER A 50 -39.22 18.38 24.40
CA SER A 50 -39.33 19.83 24.21
C SER A 50 -38.01 20.60 24.26
N SER A 51 -37.08 20.16 25.11
CA SER A 51 -35.78 20.80 25.26
C SER A 51 -34.71 19.84 25.77
N ASN A 52 -33.45 20.28 25.74
CA ASN A 52 -32.34 19.51 26.30
C ASN A 52 -32.41 19.40 27.82
N GLU A 53 -32.93 20.43 28.45
CA GLU A 53 -33.08 20.49 29.91
C GLU A 53 -34.12 19.48 30.40
N GLU A 54 -35.24 19.41 29.71
CA GLU A 54 -36.31 18.46 30.02
C GLU A 54 -35.92 17.04 29.62
N LEU A 55 -35.02 16.94 28.65
CA LEU A 55 -34.43 15.66 28.26
C LEU A 55 -33.48 15.16 29.35
N ALA A 56 -32.67 16.07 29.89
CA ALA A 56 -31.71 15.74 30.94
C ALA A 56 -32.39 15.44 32.27
N ARG A 57 -33.53 16.08 32.51
CA ARG A 57 -34.29 15.91 33.74
C ARG A 57 -35.07 14.59 33.74
N HIS A 58 -35.39 14.08 32.56
CA HIS A 58 -36.18 12.86 32.40
C HIS A 58 -35.30 11.62 32.26
N CYS A 59 -34.30 11.70 31.39
CA CYS A 59 -33.46 10.56 31.06
C CYS A 59 -32.41 10.25 32.12
N ASP A 60 -31.96 8.99 32.13
CA ASP A 60 -30.95 8.53 33.08
C ASP A 60 -29.55 8.64 32.48
N ILE A 61 -29.46 8.38 31.18
CA ILE A 61 -28.21 8.52 30.44
C ILE A 61 -28.42 9.55 29.31
N ILE A 62 -27.59 10.59 29.31
CA ILE A 62 -27.70 11.68 28.34
C ILE A 62 -26.52 11.65 27.38
N VAL A 63 -26.83 11.71 26.09
CA VAL A 63 -25.82 11.71 25.04
C VAL A 63 -25.72 13.09 24.38
N CYS A 64 -24.52 13.68 24.44
CA CYS A 64 -24.26 14.97 23.80
C CYS A 64 -23.81 14.73 22.36
N ALA A 65 -24.75 14.91 21.42
CA ALA A 65 -24.51 14.61 20.02
C ALA A 65 -24.51 15.86 19.13
N VAL A 66 -24.19 17.00 19.73
CA VAL A 66 -24.10 18.26 18.99
C VAL A 66 -22.67 18.51 18.51
N LYS A 67 -22.50 19.45 17.59
CA LYS A 67 -21.18 19.93 17.17
C LYS A 67 -20.42 20.53 18.35
N PRO A 68 -19.09 20.33 18.40
CA PRO A 68 -18.28 20.75 19.56
C PRO A 68 -18.31 22.25 19.85
N ASP A 69 -18.55 23.06 18.82
CA ASP A 69 -18.59 24.52 18.95
C ASP A 69 -19.82 25.04 19.71
N ILE A 70 -20.91 24.27 19.66
CA ILE A 70 -22.13 24.62 20.41
C ILE A 70 -22.37 23.72 21.62
N ALA A 71 -21.44 22.79 21.86
CA ALA A 71 -21.54 21.86 22.99
C ALA A 71 -21.38 22.56 24.34
N GLY A 72 -20.65 23.67 24.36
CA GLY A 72 -20.39 24.43 25.58
C GLY A 72 -21.64 25.05 26.20
N SER A 73 -22.51 25.60 25.35
CA SER A 73 -23.75 26.23 25.82
C SER A 73 -24.80 25.20 26.18
N VAL A 74 -24.93 24.17 25.35
CA VAL A 74 -25.90 23.08 25.55
C VAL A 74 -25.65 22.36 26.88
N LEU A 75 -24.39 22.05 27.16
CA LEU A 75 -24.02 21.38 28.40
C LEU A 75 -24.13 22.29 29.62
N ASN A 76 -23.96 23.59 29.41
CA ASN A 76 -24.12 24.59 30.45
C ASN A 76 -25.58 24.78 30.85
N ASN A 77 -26.48 24.57 29.89
CA ASN A 77 -27.92 24.66 30.13
C ASN A 77 -28.48 23.46 30.90
N ILE A 78 -27.88 22.29 30.69
CA ILE A 78 -28.29 21.06 31.38
C ILE A 78 -27.44 20.78 32.63
N LYS A 79 -26.54 21.71 32.93
CA LYS A 79 -25.59 21.59 34.05
C LYS A 79 -26.21 21.19 35.41
N PRO A 80 -27.29 21.87 35.84
CA PRO A 80 -27.85 21.51 37.15
C PRO A 80 -28.76 20.27 37.14
N TYR A 81 -29.07 19.74 35.95
CA TYR A 81 -29.98 18.61 35.81
C TYR A 81 -29.27 17.26 35.68
N LEU A 82 -27.95 17.27 35.81
CA LEU A 82 -27.13 16.06 35.64
C LEU A 82 -26.83 15.34 36.95
N SER A 83 -27.53 15.72 38.01
CA SER A 83 -27.30 15.18 39.35
C SER A 83 -27.57 13.68 39.41
N SER A 84 -26.54 12.92 39.78
CA SER A 84 -26.59 11.45 39.89
C SER A 84 -26.74 10.71 38.54
N LYS A 85 -26.70 11.46 37.45
CA LYS A 85 -26.94 10.91 36.11
C LYS A 85 -25.66 10.76 35.30
N LEU A 86 -25.71 9.89 34.29
CA LEU A 86 -24.55 9.62 33.43
C LEU A 86 -24.60 10.44 32.15
N LEU A 87 -23.55 11.24 31.93
CA LEU A 87 -23.41 12.02 30.72
C LEU A 87 -22.36 11.36 29.81
N ILE A 88 -22.79 10.99 28.61
CA ILE A 88 -21.87 10.46 27.61
C ILE A 88 -21.72 11.47 26.47
N SER A 89 -20.47 11.82 26.15
CA SER A 89 -20.19 12.79 25.09
C SER A 89 -19.54 12.12 23.89
N ILE A 90 -20.08 12.36 22.70
CA ILE A 90 -19.50 11.86 21.46
C ILE A 90 -18.81 12.98 20.66
N CYS A 91 -18.72 14.16 21.26
CA CYS A 91 -18.09 15.33 20.64
C CYS A 91 -16.60 15.10 20.38
N GLY A 92 -16.19 15.40 19.16
CA GLY A 92 -14.80 15.25 18.75
C GLY A 92 -13.91 16.36 19.29
N GLY A 93 -12.75 15.96 19.81
CA GLY A 93 -11.78 16.91 20.34
C GLY A 93 -11.97 17.23 21.81
N LEU A 94 -13.23 17.41 22.22
CA LEU A 94 -13.56 17.80 23.58
C LEU A 94 -13.29 16.69 24.59
N ASN A 95 -12.15 16.76 25.24
CA ASN A 95 -11.74 15.76 26.24
C ASN A 95 -12.38 15.97 27.60
N ILE A 96 -12.10 15.05 28.53
CA ILE A 96 -12.69 15.06 29.87
C ILE A 96 -12.46 16.38 30.61
N GLY A 97 -11.25 16.91 30.50
CA GLY A 97 -10.89 18.19 31.11
C GLY A 97 -11.78 19.35 30.67
N LYS A 98 -12.02 19.43 29.35
CA LYS A 98 -12.90 20.44 28.79
C LYS A 98 -14.37 20.18 29.12
N LEU A 99 -14.74 18.91 29.23
CA LEU A 99 -16.11 18.52 29.59
C LEU A 99 -16.39 18.79 31.06
N GLU A 100 -15.42 18.50 31.92
CA GLU A 100 -15.51 18.81 33.35
C GLU A 100 -15.55 20.32 33.60
N GLU A 101 -15.02 21.08 32.64
CA GLU A 101 -15.04 22.53 32.68
C GLU A 101 -16.43 23.04 32.27
N VAL A 103 -19.53 21.18 32.56
CA VAL A 103 -20.63 20.73 33.43
C VAL A 103 -20.27 20.60 34.91
N GLY A 104 -18.98 20.50 35.22
CA GLY A 104 -18.53 20.36 36.60
C GLY A 104 -17.87 19.02 36.86
N SER A 105 -16.88 19.04 37.77
CA SER A 105 -16.10 17.85 38.10
C SER A 105 -16.89 16.83 38.91
N GLU A 106 -17.99 17.28 39.52
CA GLU A 106 -18.83 16.43 40.37
C GLU A 106 -19.69 15.43 39.58
N ASN A 107 -19.90 15.70 38.29
CA ASN A 107 -20.74 14.85 37.44
C ASN A 107 -20.04 13.59 36.94
N LYS A 108 -20.85 12.64 36.46
CA LYS A 108 -20.34 11.41 35.85
C LYS A 108 -20.16 11.62 34.34
N ILE A 109 -18.91 11.70 33.91
CA ILE A 109 -18.59 12.03 32.52
C ILE A 109 -17.79 10.93 31.83
N VAL A 110 -18.33 10.44 30.73
CA VAL A 110 -17.64 9.45 29.90
C VAL A 110 -17.60 9.93 28.44
N TRP A 111 -16.40 9.90 27.85
CA TRP A 111 -16.20 10.38 26.49
C TRP A 111 -16.07 9.21 25.51
N VAL A 112 -17.12 9.00 24.73
CA VAL A 112 -17.19 7.89 23.77
C VAL A 112 -17.01 8.41 22.35
N PRO A 114 -17.64 7.22 18.61
CA PRO A 114 -18.30 6.29 17.70
C PRO A 114 -17.97 6.52 16.23
N ASN A 115 -18.53 5.67 15.36
CA ASN A 115 -18.57 5.93 13.93
C ASN A 115 -19.93 5.53 13.32
N THR A 116 -20.22 6.04 12.11
CA THR A 116 -21.53 5.83 11.47
C THR A 116 -21.94 4.36 11.21
N PRO A 117 -20.97 3.45 10.93
CA PRO A 117 -21.27 2.02 10.79
C PRO A 117 -22.11 1.38 11.91
N CYS A 118 -22.28 2.09 13.02
CA CYS A 118 -23.12 1.60 14.12
C CYS A 118 -24.59 1.51 13.72
N LEU A 119 -24.97 2.26 12.69
CA LEU A 119 -26.31 2.22 12.10
C LEU A 119 -26.69 0.82 11.63
N VAL A 120 -25.72 0.11 11.05
CA VAL A 120 -25.92 -1.27 10.61
C VAL A 120 -25.35 -2.28 11.63
N GLY A 121 -25.22 -1.83 12.87
CA GLY A 121 -24.76 -2.67 13.98
C GLY A 121 -23.31 -3.10 13.90
N GLU A 122 -22.49 -2.32 13.20
CA GLU A 122 -21.08 -2.65 12.97
C GLU A 122 -20.16 -1.48 13.32
N GLY A 123 -20.54 -0.73 14.35
CA GLY A 123 -19.77 0.44 14.78
C GLY A 123 -18.50 0.10 15.52
N SER A 124 -17.53 1.02 15.46
CA SER A 124 -16.32 0.91 16.26
C SER A 124 -16.30 2.04 17.29
N PHE A 125 -16.06 1.67 18.54
CA PHE A 125 -16.11 2.64 19.63
C PHE A 125 -14.85 2.58 20.50
N ILE A 126 -14.42 3.75 20.95
CA ILE A 126 -13.41 3.87 22.00
C ILE A 126 -13.90 4.84 23.06
N TYR A 127 -13.58 4.58 24.32
CA TYR A 127 -14.03 5.46 25.40
C TYR A 127 -13.07 5.58 26.58
N CYS A 128 -13.20 6.69 27.29
CA CYS A 128 -12.53 6.94 28.55
C CYS A 128 -13.52 7.66 29.46
N SER A 129 -13.26 7.60 30.77
CA SER A 129 -14.18 8.19 31.74
C SER A 129 -13.44 8.88 32.88
N ASN A 130 -14.12 9.80 33.55
CA ASN A 130 -13.54 10.53 34.68
C ASN A 130 -13.52 9.73 35.98
N LYS A 131 -13.23 10.41 37.08
CA LYS A 131 -13.11 9.79 38.40
C LYS A 131 -14.45 9.27 38.93
N ASN A 132 -15.53 9.93 38.54
CA ASN A 132 -16.87 9.64 39.07
C ASN A 132 -17.64 8.51 38.38
N VAL A 133 -17.10 8.02 37.26
CA VAL A 133 -17.70 6.89 36.56
C VAL A 133 -17.24 5.57 37.18
N ASN A 134 -18.19 4.81 37.72
CA ASN A 134 -17.89 3.55 38.39
C ASN A 134 -18.07 2.32 37.49
N SER A 135 -17.88 1.14 38.08
CA SER A 135 -17.99 -0.14 37.38
C SER A 135 -19.38 -0.43 36.83
N THR A 136 -20.41 -0.01 37.56
CA THR A 136 -21.80 -0.21 37.13
C THR A 136 -22.17 0.73 35.97
N ASP A 137 -21.54 1.90 35.93
CA ASP A 137 -21.73 2.83 34.82
C ASP A 137 -21.02 2.34 33.57
N LYS A 138 -19.82 1.79 33.73
CA LYS A 138 -19.03 1.24 32.63
C LYS A 138 -19.69 0.00 32.03
N LYS A 139 -20.44 -0.72 32.86
CA LYS A 139 -21.24 -1.86 32.40
C LYS A 139 -22.37 -1.42 31.49
N TYR A 140 -23.00 -0.29 31.83
CA TYR A 140 -24.03 0.31 31.00
C TYR A 140 -23.48 0.84 29.68
N VAL A 141 -22.31 1.46 29.74
CA VAL A 141 -21.63 1.99 28.55
C VAL A 141 -21.26 0.86 27.59
N ASN A 142 -20.61 -0.19 28.11
CA ASN A 142 -20.22 -1.35 27.32
C ASN A 142 -21.37 -2.05 26.61
N ASP A 143 -22.47 -2.27 27.33
CA ASP A 143 -23.62 -2.99 26.79
C ASP A 143 -24.38 -2.20 25.72
N ILE A 144 -24.39 -0.87 25.86
CA ILE A 144 -25.07 0.01 24.91
C ILE A 144 -24.39 -0.02 23.53
N PHE A 145 -23.05 0.03 23.54
CA PHE A 145 -22.28 0.12 22.31
C PHE A 145 -21.86 -1.23 21.73
N ASN A 146 -21.75 -2.25 22.59
CA ASN A 146 -21.50 -3.63 22.12
C ASN A 146 -22.73 -4.25 21.45
N SER A 147 -23.89 -3.63 21.63
CA SER A 147 -25.12 -4.06 21.00
C SER A 147 -25.17 -3.67 19.52
N CYS A 148 -24.44 -2.62 19.16
CA CYS A 148 -24.37 -2.14 17.79
C CYS A 148 -22.93 -1.97 17.29
N GLY A 149 -22.00 -2.73 17.86
CA GLY A 149 -20.61 -2.70 17.45
C GLY A 149 -19.63 -3.27 18.46
N ILE A 150 -18.39 -2.81 18.38
CA ILE A 150 -17.33 -3.26 19.29
C ILE A 150 -16.70 -2.06 19.99
N ILE A 151 -16.71 -2.08 21.33
CA ILE A 151 -16.19 -0.97 22.13
C ILE A 151 -14.93 -1.36 22.92
N HIS A 152 -13.96 -0.45 22.94
CA HIS A 152 -12.74 -0.60 23.74
C HIS A 152 -12.65 0.55 24.74
N GLU A 153 -12.12 0.25 25.93
CA GLU A 153 -11.76 1.30 26.88
C GLU A 153 -10.28 1.59 26.72
N ILE A 154 -9.97 2.86 26.44
CA ILE A 154 -8.60 3.29 26.22
C ILE A 154 -8.24 4.49 27.10
N LYS A 155 -6.95 4.80 27.18
CA LYS A 155 -6.47 6.00 27.88
C LYS A 155 -7.01 7.26 27.22
N GLU A 156 -7.14 8.34 28.00
CA GLU A 156 -7.64 9.61 27.48
C GLU A 156 -6.68 10.21 26.45
N LYS A 157 -5.39 10.04 26.66
CA LYS A 157 -4.37 10.58 25.76
C LYS A 157 -4.35 9.88 24.39
N ASP A 158 -4.93 8.68 24.33
CA ASP A 158 -5.01 7.90 23.10
C ASP A 158 -6.30 8.15 22.31
N ASP A 160 -7.38 10.84 20.78
CA ASP A 160 -7.22 11.67 19.58
C ASP A 160 -6.82 10.88 18.34
N ILE A 161 -5.85 9.98 18.51
CA ILE A 161 -5.43 9.08 17.44
C ILE A 161 -6.51 8.03 17.11
N ALA A 162 -7.19 7.56 18.15
CA ALA A 162 -8.28 6.59 17.98
C ALA A 162 -9.46 7.20 17.21
N THR A 163 -9.74 8.48 17.47
CA THR A 163 -10.75 9.24 16.72
C THR A 163 -10.37 9.32 15.24
N ALA A 164 -9.09 9.59 14.98
CA ALA A 164 -8.56 9.71 13.63
C ALA A 164 -8.66 8.41 12.82
N ILE A 165 -8.58 7.27 13.52
CA ILE A 165 -8.66 5.95 12.89
C ILE A 165 -10.09 5.41 12.90
N SER A 166 -10.69 5.34 14.09
CA SER A 166 -12.00 4.71 14.26
C SER A 166 -13.15 5.66 13.92
N GLY A 167 -13.08 6.88 14.42
CA GLY A 167 -14.12 7.88 14.17
C GLY A 167 -14.13 8.39 12.75
N CYS A 168 -12.95 8.79 12.26
CA CYS A 168 -12.79 9.35 10.91
C CYS A 168 -12.60 8.27 9.84
N GLY A 169 -12.15 7.09 10.28
CA GLY A 169 -11.84 5.98 9.40
C GLY A 169 -12.80 5.68 8.25
N PRO A 170 -14.12 5.61 8.55
CA PRO A 170 -15.08 5.32 7.47
C PRO A 170 -14.87 6.18 6.22
N ALA A 171 -14.58 7.46 6.42
CA ALA A 171 -14.36 8.40 5.31
C ALA A 171 -13.19 8.00 4.42
N TYR A 172 -12.11 7.51 5.02
CA TYR A 172 -10.94 7.05 4.24
C TYR A 172 -11.29 5.78 3.48
N VAL A 173 -12.04 4.90 4.12
CA VAL A 173 -12.49 3.64 3.51
C VAL A 173 -13.49 3.92 2.40
N TYR A 174 -14.46 4.81 2.66
CA TYR A 174 -15.42 5.23 1.65
C TYR A 174 -14.74 5.80 0.41
N LEU A 175 -13.71 6.61 0.61
CA LEU A 175 -12.95 7.21 -0.50
C LEU A 175 -12.09 6.17 -1.22
N PHE A 176 -11.53 5.25 -0.45
CA PHE A 176 -10.80 4.10 -1.01
C PHE A 176 -11.72 3.29 -1.93
N ILE A 177 -12.89 2.93 -1.43
CA ILE A 177 -13.93 2.23 -2.19
C ILE A 177 -14.34 3.05 -3.41
N GLU A 178 -14.53 4.35 -3.20
CA GLU A 178 -14.87 5.30 -4.27
C GLU A 178 -13.82 5.31 -5.39
N SER A 179 -12.55 5.34 -5.00
CA SER A 179 -11.43 5.41 -5.96
C SER A 179 -11.27 4.12 -6.75
N LEU A 180 -11.47 2.98 -6.09
CA LEU A 180 -11.35 1.68 -6.73
C LEU A 180 -12.43 1.45 -7.79
N ILE A 181 -13.66 1.86 -7.47
CA ILE A 181 -14.78 1.79 -8.41
C ILE A 181 -14.52 2.66 -9.64
N ASP A 182 -14.07 3.90 -9.43
CA ASP A 182 -13.75 4.83 -10.51
C ASP A 182 -12.68 4.31 -11.45
N ALA A 183 -11.68 3.64 -10.89
CA ALA A 183 -10.63 3.00 -11.67
C ALA A 183 -11.21 1.91 -12.58
N GLY A 184 -12.20 1.19 -12.05
CA GLY A 184 -12.90 0.15 -12.80
C GLY A 184 -13.81 0.71 -13.88
N VAL A 185 -14.58 1.74 -13.52
CA VAL A 185 -15.48 2.41 -14.47
C VAL A 185 -14.70 3.03 -15.63
N LYS A 186 -13.56 3.65 -15.31
CA LYS A 186 -12.71 4.26 -16.32
C LYS A 186 -12.19 3.26 -17.34
N ASN A 187 -11.88 2.05 -16.89
CA ASN A 187 -11.27 1.05 -17.76
C ASN A 187 -12.21 -0.03 -18.30
N GLY A 188 -13.51 0.26 -18.33
CA GLY A 188 -14.46 -0.59 -19.05
C GLY A 188 -15.59 -1.24 -18.26
N LEU A 189 -15.38 -1.45 -16.96
CA LEU A 189 -16.39 -2.10 -16.12
C LEU A 189 -17.55 -1.17 -15.80
N SER A 190 -18.73 -1.75 -15.57
CA SER A 190 -19.89 -1.00 -15.11
C SER A 190 -19.68 -0.57 -13.66
N ARG A 191 -20.42 0.45 -13.23
CA ARG A 191 -20.34 0.94 -11.87
C ARG A 191 -20.85 -0.10 -10.86
N GLU A 192 -21.90 -0.83 -11.25
CA GLU A 192 -22.48 -1.87 -10.40
C GLU A 192 -21.48 -3.01 -10.16
N LEU A 193 -20.91 -3.53 -11.25
CA LEU A 193 -19.94 -4.62 -11.17
C LEU A 193 -18.68 -4.22 -10.40
N SER A 194 -18.17 -3.02 -10.70
CA SER A 194 -16.99 -2.48 -10.02
C SER A 194 -17.19 -2.46 -8.52
N LYS A 195 -18.36 -1.98 -8.08
CA LYS A 195 -18.73 -1.95 -6.67
C LYS A 195 -18.75 -3.34 -6.04
N ASN A 196 -19.38 -4.30 -6.73
CA ASN A 196 -19.42 -5.70 -6.27
C ASN A 196 -18.03 -6.30 -6.10
N LEU A 197 -17.19 -6.12 -7.11
CA LEU A 197 -15.82 -6.62 -7.10
C LEU A 197 -14.95 -5.95 -6.02
N VAL A 198 -15.19 -4.66 -5.78
CA VAL A 198 -14.46 -3.92 -4.76
C VAL A 198 -14.84 -4.37 -3.35
N LEU A 199 -16.15 -4.36 -3.07
CA LEU A 199 -16.66 -4.73 -1.75
C LEU A 199 -16.32 -6.16 -1.34
N GLN A 200 -16.35 -7.07 -2.31
CA GLN A 200 -16.03 -8.49 -2.07
C GLN A 200 -14.52 -8.70 -1.90
N THR A 201 -13.73 -7.88 -2.57
CA THR A 201 -12.27 -7.92 -2.46
C THR A 201 -11.81 -7.42 -1.09
N ILE A 202 -12.47 -6.38 -0.58
CA ILE A 202 -12.14 -5.83 0.73
C ILE A 202 -12.62 -6.75 1.86
N LYS A 203 -13.84 -7.28 1.71
CA LYS A 203 -14.42 -8.20 2.68
C LYS A 203 -13.53 -9.43 2.88
N GLY A 204 -13.03 -9.98 1.78
CA GLY A 204 -12.14 -11.13 1.83
C GLY A 204 -10.78 -10.82 2.43
N SER A 205 -10.27 -9.63 2.14
CA SER A 205 -8.96 -9.19 2.65
C SER A 205 -8.97 -9.02 4.18
N VAL A 206 -10.02 -8.38 4.69
CA VAL A 206 -10.20 -8.17 6.13
C VAL A 206 -10.28 -9.51 6.87
N GLU A 207 -11.06 -10.45 6.30
CA GLU A 207 -11.22 -11.78 6.87
C GLU A 207 -9.90 -12.56 6.92
N VAL A 209 -6.89 -11.21 7.24
CA VAL A 209 -6.11 -10.63 8.32
C VAL A 209 -6.53 -11.18 9.68
N LYS A 210 -7.85 -11.28 9.88
CA LYS A 210 -8.42 -11.76 11.15
C LYS A 210 -8.09 -13.23 11.42
N LYS A 211 -8.21 -14.06 10.39
CA LYS A 211 -8.12 -15.51 10.54
C LYS A 211 -6.71 -16.07 10.39
N SER A 212 -5.87 -15.40 9.60
CA SER A 212 -4.50 -15.87 9.36
C SER A 212 -3.57 -15.55 10.51
N ASP A 213 -2.60 -16.43 10.72
CA ASP A 213 -1.54 -16.27 11.71
CA ASP A 213 -1.56 -16.24 11.72
C ASP A 213 -0.42 -15.39 11.16
N GLN A 214 -0.40 -15.24 9.85
CA GLN A 214 0.57 -14.39 9.15
C GLN A 214 0.20 -12.92 9.31
N PRO A 215 1.21 -12.03 9.44
CA PRO A 215 0.95 -10.58 9.49
C PRO A 215 0.45 -10.03 8.15
N VAL A 216 -0.12 -8.83 8.18
CA VAL A 216 -0.68 -8.18 6.98
C VAL A 216 0.31 -8.07 5.81
N GLN A 217 1.57 -7.82 6.12
CA GLN A 217 2.60 -7.62 5.10
C GLN A 217 2.97 -8.92 4.39
N GLN A 218 2.93 -10.03 5.13
CA GLN A 218 3.16 -11.35 4.56
C GLN A 218 2.00 -11.77 3.67
N LEU A 219 0.79 -11.43 4.10
CA LEU A 219 -0.42 -11.68 3.32
C LEU A 219 -0.38 -10.89 2.01
N LYS A 220 0.19 -9.69 2.08
CA LYS A 220 0.41 -8.84 0.92
C LYS A 220 1.46 -9.45 -0.02
N ASP A 221 2.52 -9.98 0.58
CA ASP A 221 3.61 -10.62 -0.17
C ASP A 221 3.12 -11.83 -0.96
N ASN A 222 2.24 -12.62 -0.36
CA ASN A 222 1.70 -13.84 -0.96
C ASN A 222 0.98 -13.60 -2.28
N ILE A 223 0.40 -12.42 -2.43
CA ILE A 223 -0.35 -12.04 -3.64
C ILE A 223 0.59 -11.66 -4.80
N VAL A 224 1.80 -11.22 -4.46
CA VAL A 224 2.77 -10.78 -5.45
C VAL A 224 3.47 -11.97 -6.12
N SER A 225 2.91 -12.40 -7.25
CA SER A 225 3.53 -13.44 -8.08
C SER A 225 4.75 -12.85 -8.77
N PRO A 226 5.91 -13.53 -8.66
CA PRO A 226 7.17 -13.09 -9.26
C PRO A 226 7.07 -12.72 -10.75
N GLY A 227 7.34 -11.46 -11.06
CA GLY A 227 7.25 -10.95 -12.43
C GLY A 227 5.82 -10.75 -12.89
N GLY A 228 4.89 -10.57 -11.96
CA GLY A 228 3.47 -10.54 -12.26
C GLY A 228 2.79 -9.19 -12.25
N ILE A 229 1.46 -9.22 -12.16
CA ILE A 229 0.60 -8.04 -12.30
C ILE A 229 0.53 -7.21 -11.02
N THR A 230 0.36 -7.88 -9.88
CA THR A 230 0.24 -7.23 -8.57
C THR A 230 1.48 -6.43 -8.21
N ALA A 231 2.65 -6.95 -8.61
CA ALA A 231 3.93 -6.27 -8.39
C ALA A 231 3.96 -4.88 -9.04
N VAL A 232 3.36 -4.76 -10.21
CA VAL A 232 3.31 -3.50 -10.95
C VAL A 232 2.35 -2.49 -10.29
N GLY A 233 1.21 -2.99 -9.80
CA GLY A 233 0.24 -2.16 -9.09
C GLY A 233 0.75 -1.65 -7.74
N LEU A 234 1.51 -2.49 -7.04
CA LEU A 234 2.11 -2.12 -5.76
C LEU A 234 3.27 -1.14 -5.92
N TYR A 235 4.06 -1.33 -6.98
CA TYR A 235 5.15 -0.45 -7.36
C TYR A 235 4.63 0.97 -7.60
N SER A 236 3.44 1.06 -8.21
CA SER A 236 2.77 2.34 -8.46
C SER A 236 2.36 3.03 -7.17
N LEU A 237 1.85 2.24 -6.20
CA LEU A 237 1.45 2.76 -4.90
C LEU A 237 2.64 3.29 -4.10
N GLU A 238 3.79 2.64 -4.26
CA GLU A 238 5.03 3.06 -3.61
C GLU A 238 5.56 4.35 -4.24
N LYS A 239 5.47 4.45 -5.56
CA LYS A 239 5.88 5.62 -6.31
C LYS A 239 5.15 6.87 -5.83
N ASN A 240 3.84 6.73 -5.63
CA ASN A 240 2.99 7.85 -5.25
C ASN A 240 2.77 7.97 -3.74
N SER A 241 3.64 7.31 -2.97
CA SER A 241 3.63 7.39 -1.51
C SER A 241 2.26 7.11 -0.88
N PHE A 242 1.66 5.99 -1.27
CA PHE A 242 0.34 5.59 -0.77
C PHE A 242 0.33 5.46 0.75
N LYS A 243 1.34 4.80 1.29
CA LYS A 243 1.49 4.60 2.73
C LYS A 243 1.55 5.93 3.48
N TYR A 244 2.46 6.82 3.06
CA TYR A 244 2.62 8.12 3.67
C TYR A 244 1.34 8.96 3.57
N THR A 245 0.67 8.89 2.43
CA THR A 245 -0.59 9.61 2.19
C THR A 245 -1.63 9.24 3.24
N VAL A 246 -1.79 7.94 3.50
CA VAL A 246 -2.72 7.44 4.50
C VAL A 246 -2.29 7.86 5.91
N ASN A 248 -0.29 10.31 6.83
CA ASN A 248 -0.38 11.77 6.95
C ASN A 248 -1.82 12.25 7.18
N ALA A 249 -2.77 11.59 6.53
CA ALA A 249 -4.19 11.90 6.70
C ALA A 249 -4.66 11.64 8.13
N VAL A 250 -4.28 10.47 8.65
CA VAL A 250 -4.61 10.07 10.02
C VAL A 250 -3.99 11.05 11.02
N GLU A 251 -2.71 11.37 10.83
CA GLU A 251 -1.99 12.26 11.73
C GLU A 251 -2.52 13.70 11.69
N ALA A 252 -2.90 14.17 10.51
CA ALA A 252 -3.52 15.49 10.34
C ALA A 252 -4.84 15.59 11.11
N ALA A 253 -5.62 14.51 11.06
CA ALA A 253 -6.86 14.40 11.83
C ALA A 253 -6.57 14.35 13.33
N CYS A 254 -5.52 13.61 13.71
CA CYS A 254 -5.11 13.47 15.10
C CYS A 254 -4.71 14.82 15.71
N GLU A 255 -4.04 15.66 14.91
CA GLU A 255 -3.62 17.00 15.33
CA GLU A 255 -3.63 16.98 15.37
C GLU A 255 -4.82 17.92 15.52
N LYS A 256 -5.82 17.77 14.66
CA LYS A 256 -7.04 18.57 14.70
C LYS A 256 -7.86 18.24 15.94
N SER A 257 -7.90 16.96 16.30
CA SER A 257 -8.55 16.51 17.53
C SER A 257 -7.87 17.10 18.77
N LYS A 258 -6.54 17.18 18.74
CA LYS A 258 -5.76 17.75 19.83
C LYS A 258 -5.84 19.28 19.88
N ALA A 259 -5.96 19.90 18.71
CA ALA A 259 -6.10 21.36 18.61
C ALA A 259 -7.41 21.84 19.23
N GLY A 261 -8.85 20.10 21.40
CA GLY A 261 -8.65 19.66 22.77
C GLY A 261 -7.91 20.63 23.66
N SER A 262 -7.39 21.70 23.07
CA SER A 262 -6.70 22.76 23.80
C SER A 262 -7.64 23.92 24.10
N ASN B 4 43.42 -29.76 -8.33
CA ASN B 4 44.73 -29.99 -9.02
C ASN B 4 44.79 -29.30 -10.38
N ILE B 5 43.65 -28.81 -10.85
CA ILE B 5 43.56 -28.08 -12.12
C ILE B 5 44.18 -26.68 -12.03
N LYS B 6 44.34 -26.04 -13.18
CA LYS B 6 44.92 -24.70 -13.26
C LYS B 6 43.87 -23.67 -13.66
N LEU B 7 43.80 -22.59 -12.89
CA LEU B 7 42.83 -21.51 -13.11
C LEU B 7 43.49 -20.34 -13.81
N GLY B 8 42.79 -19.74 -14.76
CA GLY B 8 43.31 -18.60 -15.51
C GLY B 8 42.35 -17.43 -15.56
N PHE B 9 42.85 -16.23 -15.24
CA PHE B 9 42.04 -15.02 -15.21
C PHE B 9 42.33 -14.10 -16.38
N GLY B 11 41.99 -10.85 -17.61
CA GLY B 11 41.75 -9.51 -17.08
C GLY B 11 41.80 -9.53 -15.56
N LEU B 12 42.55 -8.59 -14.98
CA LEU B 12 42.79 -8.58 -13.54
C LEU B 12 42.55 -7.18 -12.96
N GLY B 13 41.35 -6.66 -13.15
CA GLY B 13 40.98 -5.33 -12.68
C GLY B 13 40.28 -5.36 -11.34
N GLN B 14 39.22 -4.56 -11.21
CA GLN B 14 38.48 -4.44 -9.96
C GLN B 14 37.80 -5.74 -9.54
N GLY B 16 38.36 -8.72 -11.40
CA GLY B 16 39.35 -9.75 -11.69
C GLY B 16 40.20 -10.10 -10.48
N SER B 17 40.79 -9.07 -9.87
CA SER B 17 41.65 -9.24 -8.69
C SER B 17 40.91 -9.72 -7.45
N ALA B 18 39.72 -9.14 -7.24
CA ALA B 18 38.88 -9.49 -6.08
C ALA B 18 38.50 -10.97 -6.09
N LEU B 19 38.18 -11.49 -7.28
CA LEU B 19 37.86 -12.90 -7.45
C LEU B 19 39.09 -13.79 -7.32
N ALA B 20 40.18 -13.37 -7.98
CA ALA B 20 41.45 -14.11 -7.96
C ALA B 20 42.05 -14.25 -6.57
N HIS B 21 42.04 -13.17 -5.80
CA HIS B 21 42.61 -13.17 -4.46
C HIS B 21 41.69 -13.83 -3.43
N GLY B 22 40.39 -13.83 -3.72
CA GLY B 22 39.40 -14.52 -2.88
C GLY B 22 39.54 -16.02 -2.98
N ILE B 23 39.85 -16.50 -4.18
CA ILE B 23 40.11 -17.92 -4.43
C ILE B 23 41.46 -18.33 -3.86
N ALA B 24 42.45 -17.44 -3.98
CA ALA B 24 43.80 -17.67 -3.49
C ALA B 24 43.86 -17.79 -1.95
N ASN B 25 43.13 -16.92 -1.27
CA ASN B 25 43.08 -16.92 0.20
C ASN B 25 42.31 -18.10 0.79
N ALA B 26 41.44 -18.70 -0.03
CA ALA B 26 40.65 -19.86 0.37
C ALA B 26 41.48 -21.14 0.38
N ASN B 27 42.59 -21.12 -0.37
CA ASN B 27 43.48 -22.28 -0.53
C ASN B 27 42.76 -23.54 -1.00
N ILE B 28 42.12 -23.45 -2.16
CA ILE B 28 41.49 -24.60 -2.81
C ILE B 28 42.31 -25.07 -4.01
N ILE B 29 43.06 -24.14 -4.61
CA ILE B 29 43.94 -24.43 -5.73
C ILE B 29 45.37 -23.99 -5.39
N LEU B 34 47.38 -20.75 -10.36
CA LEU B 34 46.57 -19.57 -10.66
C LEU B 34 47.32 -18.62 -11.59
N PHE B 35 46.71 -18.33 -12.73
CA PHE B 35 47.32 -17.52 -13.78
C PHE B 35 46.45 -16.34 -14.19
N TYR B 36 47.06 -15.33 -14.81
CA TYR B 36 46.34 -14.16 -15.31
C TYR B 36 47.07 -13.48 -16.47
N TYR B 37 46.31 -12.71 -17.27
CA TYR B 37 46.89 -11.80 -18.24
C TYR B 37 46.18 -10.45 -18.26
N GLY B 38 46.96 -9.39 -18.43
CA GLY B 38 46.45 -8.05 -18.67
C GLY B 38 47.44 -7.27 -19.52
N PRO B 39 46.98 -6.19 -20.17
CA PRO B 39 47.87 -5.33 -20.97
C PRO B 39 48.95 -4.66 -20.12
N SER B 40 48.75 -4.66 -18.81
CA SER B 40 49.74 -4.20 -17.84
C SER B 40 49.80 -5.16 -16.66
N LYS B 41 51.01 -5.44 -16.19
CA LYS B 41 51.23 -6.33 -15.04
C LYS B 41 50.64 -5.72 -13.77
N LYS B 42 50.05 -6.57 -12.94
CA LYS B 42 49.33 -6.12 -11.75
C LYS B 42 50.05 -6.55 -10.46
N THR B 44 49.94 -8.51 -7.80
CA THR B 44 49.16 -9.71 -7.46
C THR B 44 50.05 -10.93 -7.23
N THR B 45 49.52 -11.89 -6.48
CA THR B 45 50.24 -13.14 -6.17
C THR B 45 50.12 -14.16 -7.31
N LEU B 46 49.16 -13.93 -8.21
CA LEU B 46 48.93 -14.81 -9.36
C LEU B 46 50.04 -14.71 -10.39
N ASN B 47 50.29 -15.81 -11.09
CA ASN B 47 51.36 -15.90 -12.07
C ASN B 47 50.99 -15.26 -13.41
N TYR B 48 51.80 -14.32 -13.86
CA TYR B 48 51.58 -13.61 -15.12
C TYR B 48 51.82 -14.51 -16.33
N SER B 50 51.90 -14.49 -20.83
CA SER B 50 52.20 -13.61 -21.96
C SER B 50 50.99 -13.09 -22.73
N SER B 51 49.97 -13.93 -22.88
CA SER B 51 48.75 -13.55 -23.61
C SER B 51 47.53 -14.35 -23.14
N ASN B 52 46.36 -13.94 -23.60
CA ASN B 52 45.11 -14.67 -23.33
C ASN B 52 45.08 -16.04 -24.02
N GLU B 53 45.68 -16.10 -25.20
CA GLU B 53 45.75 -17.33 -26.01
C GLU B 53 46.61 -18.40 -25.35
N GLU B 54 47.80 -18.01 -24.89
CA GLU B 54 48.72 -18.92 -24.19
C GLU B 54 48.12 -19.40 -22.87
N LEU B 55 47.35 -18.51 -22.25
CA LEU B 55 46.62 -18.82 -21.02
C LEU B 55 45.51 -19.85 -21.28
N ALA B 56 44.80 -19.67 -22.39
CA ALA B 56 43.74 -20.59 -22.81
C ALA B 56 44.29 -21.97 -23.17
N ARG B 57 45.47 -21.99 -23.78
CA ARG B 57 46.17 -23.22 -24.14
C ARG B 57 46.68 -23.98 -22.91
N HIS B 58 47.12 -23.22 -21.89
CA HIS B 58 47.69 -23.81 -20.68
C HIS B 58 46.64 -24.26 -19.68
N CYS B 59 45.61 -23.43 -19.49
CA CYS B 59 44.56 -23.71 -18.51
C CYS B 59 43.42 -24.53 -19.11
N ILE B 61 40.19 -24.44 -16.85
CA ILE B 61 39.16 -23.48 -16.51
C ILE B 61 39.64 -22.05 -16.75
N ILE B 62 38.86 -21.29 -17.53
CA ILE B 62 39.21 -19.93 -17.92
C ILE B 62 38.13 -18.95 -17.45
N VAL B 63 38.55 -17.92 -16.72
CA VAL B 63 37.64 -16.88 -16.25
C VAL B 63 37.80 -15.62 -17.11
N CYS B 64 36.71 -15.21 -17.77
CA CYS B 64 36.71 -14.01 -18.60
C CYS B 64 36.31 -12.79 -17.77
N ALA B 65 37.31 -12.02 -17.33
CA ALA B 65 37.10 -10.91 -16.41
C ALA B 65 37.33 -9.53 -17.03
N VAL B 66 37.12 -9.43 -18.35
CA VAL B 66 37.27 -8.16 -19.06
C VAL B 66 35.94 -7.42 -19.19
N LYS B 67 36.00 -6.15 -19.56
CA LYS B 67 34.82 -5.33 -19.85
C LYS B 67 34.06 -5.89 -21.06
N PRO B 68 32.71 -5.81 -21.02
CA PRO B 68 31.85 -6.43 -22.05
C PRO B 68 32.08 -5.90 -23.48
N ASP B 69 32.52 -4.64 -23.59
CA ASP B 69 32.76 -4.02 -24.90
C ASP B 69 33.96 -4.58 -25.64
N ILE B 70 34.92 -5.15 -24.89
CA ILE B 70 36.12 -5.76 -25.50
C ILE B 70 36.13 -7.28 -25.37
N ALA B 71 35.11 -7.84 -24.70
CA ALA B 71 35.00 -9.28 -24.50
C ALA B 71 34.76 -10.05 -25.80
N GLY B 72 34.14 -9.37 -26.78
CA GLY B 72 33.89 -9.96 -28.09
C GLY B 72 35.15 -10.32 -28.86
N SER B 73 36.15 -9.44 -28.77
CA SER B 73 37.44 -9.66 -29.45
C SER B 73 38.38 -10.55 -28.65
N VAL B 74 38.25 -10.52 -27.34
CA VAL B 74 39.08 -11.33 -26.44
C VAL B 74 38.72 -12.82 -26.55
N LEU B 75 37.41 -13.10 -26.54
CA LEU B 75 36.92 -14.47 -26.67
C LEU B 75 37.13 -15.03 -28.07
N ASN B 76 37.16 -14.14 -29.07
CA ASN B 76 37.41 -14.51 -30.45
C ASN B 76 38.85 -14.98 -30.69
N ASN B 77 39.78 -14.41 -29.92
CA ASN B 77 41.20 -14.77 -30.02
C ASN B 77 41.50 -16.13 -29.38
N ILE B 78 40.80 -16.44 -28.29
CA ILE B 78 41.00 -17.70 -27.56
C ILE B 78 40.10 -18.82 -28.08
N LYS B 79 39.24 -18.49 -29.04
CA LYS B 79 38.26 -19.41 -29.63
C LYS B 79 38.85 -20.75 -30.13
N PRO B 80 40.00 -20.73 -30.83
CA PRO B 80 40.53 -22.00 -31.33
C PRO B 80 41.30 -22.80 -30.27
N TYR B 81 41.25 -22.37 -29.02
CA TYR B 81 42.01 -23.02 -27.94
C TYR B 81 41.13 -23.47 -26.77
N LEU B 82 39.81 -23.46 -26.98
CA LEU B 82 38.86 -23.75 -25.90
C LEU B 82 38.27 -25.17 -25.93
N SER B 83 38.90 -26.05 -26.71
CA SER B 83 38.45 -27.44 -26.82
C SER B 83 38.66 -28.18 -25.50
N SER B 84 37.56 -28.71 -24.95
CA SER B 84 37.54 -29.42 -23.67
C SER B 84 37.86 -28.54 -22.46
N LYS B 85 38.02 -27.23 -22.69
CA LYS B 85 38.25 -26.26 -21.63
C LYS B 85 36.94 -25.66 -21.13
N LEU B 86 36.83 -25.50 -19.82
CA LEU B 86 35.66 -24.88 -19.21
C LEU B 86 35.79 -23.36 -19.19
N LEU B 87 34.91 -22.70 -19.94
CA LEU B 87 34.90 -21.25 -19.99
C LEU B 87 33.86 -20.70 -19.02
N ILE B 88 34.32 -19.95 -18.03
CA ILE B 88 33.43 -19.22 -17.14
C ILE B 88 33.55 -17.73 -17.44
N SER B 89 32.40 -17.08 -17.63
CA SER B 89 32.37 -15.66 -17.94
C SER B 89 31.66 -14.89 -16.83
N ILE B 90 32.25 -13.77 -16.43
CA ILE B 90 31.67 -12.92 -15.38
C ILE B 90 31.21 -11.56 -15.92
N CYS B 91 31.24 -11.42 -17.25
CA CYS B 91 30.84 -10.18 -17.91
C CYS B 91 29.35 -9.88 -17.71
N GLY B 92 29.04 -8.65 -17.35
CA GLY B 92 27.67 -8.19 -17.13
C GLY B 92 26.93 -8.00 -18.43
N GLY B 93 25.69 -8.49 -18.48
CA GLY B 93 24.85 -8.35 -19.66
C GLY B 93 25.00 -9.48 -20.67
N LEU B 94 26.25 -9.85 -20.94
CA LEU B 94 26.55 -10.88 -21.94
C LEU B 94 26.07 -12.27 -21.51
N ASN B 95 24.87 -12.61 -21.94
CA ASN B 95 24.25 -13.90 -21.61
C ASN B 95 24.85 -15.06 -22.39
N ILE B 96 24.40 -16.27 -22.09
CA ILE B 96 24.87 -17.49 -22.76
C ILE B 96 24.70 -17.39 -24.28
N GLY B 97 23.56 -16.85 -24.71
CA GLY B 97 23.29 -16.60 -26.12
C GLY B 97 24.36 -15.77 -26.79
N LYS B 98 24.78 -14.69 -26.12
CA LYS B 98 25.85 -13.83 -26.59
C LYS B 98 27.20 -14.54 -26.58
N LEU B 99 27.45 -15.29 -25.50
CA LEU B 99 28.71 -16.03 -25.33
C LEU B 99 28.85 -17.16 -26.34
N GLU B 100 27.74 -17.82 -26.67
CA GLU B 100 27.72 -18.87 -27.68
C GLU B 100 27.88 -18.31 -29.10
N GLU B 101 27.47 -17.05 -29.28
CA GLU B 101 27.66 -16.35 -30.55
C GLU B 101 29.10 -15.83 -30.69
N VAL B 103 31.99 -17.65 -29.07
CA VAL B 103 32.92 -18.79 -29.10
C VAL B 103 32.31 -20.09 -29.63
N GLY B 104 30.99 -20.11 -29.82
CA GLY B 104 30.29 -21.30 -30.30
C GLY B 104 29.59 -22.06 -29.18
N SER B 105 28.52 -22.77 -29.55
CA SER B 105 27.75 -23.57 -28.58
C SER B 105 28.33 -24.98 -28.41
N GLU B 106 29.58 -25.16 -28.82
CA GLU B 106 30.29 -26.43 -28.67
C GLU B 106 31.13 -26.41 -27.40
N ASN B 107 31.60 -25.22 -27.04
CA ASN B 107 32.42 -25.02 -25.85
C ASN B 107 31.61 -25.06 -24.56
N LYS B 108 32.28 -25.40 -23.46
CA LYS B 108 31.66 -25.42 -22.14
C LYS B 108 31.50 -24.00 -21.63
N ILE B 109 30.25 -23.53 -21.56
CA ILE B 109 29.99 -22.14 -21.17
C ILE B 109 29.11 -22.03 -19.93
N VAL B 110 29.68 -21.43 -18.89
CA VAL B 110 28.96 -21.09 -17.67
C VAL B 110 29.08 -19.58 -17.42
N TRP B 111 27.95 -18.93 -17.20
CA TRP B 111 27.90 -17.49 -16.95
C TRP B 111 27.70 -17.23 -15.46
N VAL B 112 28.76 -16.78 -14.80
CA VAL B 112 28.75 -16.51 -13.37
C VAL B 112 28.75 -15.00 -13.12
N PRO B 114 29.51 -12.51 -10.16
CA PRO B 114 30.08 -12.32 -8.83
C PRO B 114 29.91 -10.89 -8.29
N ASN B 115 30.40 -10.67 -7.08
CA ASN B 115 30.57 -9.32 -6.53
C ASN B 115 31.88 -9.17 -5.75
N THR B 116 32.30 -7.92 -5.55
CA THR B 116 33.61 -7.63 -4.92
C THR B 116 33.83 -8.19 -3.50
N PRO B 117 32.76 -8.28 -2.67
CA PRO B 117 32.89 -8.93 -1.35
C PRO B 117 33.49 -10.34 -1.34
N CYS B 118 33.74 -10.92 -2.50
CA CYS B 118 34.43 -12.21 -2.58
C CYS B 118 35.90 -12.09 -2.20
N LEU B 119 36.43 -10.87 -2.26
CA LEU B 119 37.80 -10.56 -1.83
C LEU B 119 38.00 -10.89 -0.36
N VAL B 120 37.00 -10.59 0.46
CA VAL B 120 37.02 -10.96 1.88
C VAL B 120 36.31 -12.30 2.14
N GLY B 121 36.16 -13.10 1.07
CA GLY B 121 35.57 -14.43 1.15
C GLY B 121 34.08 -14.43 1.49
N GLU B 122 33.40 -13.35 1.13
CA GLU B 122 31.97 -13.20 1.44
C GLU B 122 31.17 -12.74 0.22
N GLY B 123 31.50 -13.32 -0.93
CA GLY B 123 30.85 -12.97 -2.19
C GLY B 123 29.48 -13.57 -2.38
N SER B 124 28.69 -12.96 -3.25
CA SER B 124 27.41 -13.50 -3.67
C SER B 124 27.48 -13.82 -5.16
N PHE B 125 27.12 -15.05 -5.52
CA PHE B 125 27.24 -15.51 -6.90
C PHE B 125 25.95 -16.12 -7.41
N ILE B 126 25.63 -15.84 -8.67
CA ILE B 126 24.60 -16.57 -9.40
C ILE B 126 25.17 -17.05 -10.73
N TYR B 127 24.76 -18.24 -11.16
CA TYR B 127 25.24 -18.79 -12.42
C TYR B 127 24.19 -19.56 -13.22
N CYS B 128 24.40 -19.62 -14.52
CA CYS B 128 23.67 -20.48 -15.43
C CYS B 128 24.66 -21.09 -16.40
N SER B 129 24.28 -22.19 -17.04
CA SER B 129 25.17 -22.90 -17.95
C SER B 129 24.43 -23.45 -19.17
N ASN B 130 25.18 -23.65 -20.25
CA ASN B 130 24.60 -24.20 -21.50
C ASN B 130 24.33 -25.70 -21.42
N LYS B 131 24.19 -26.35 -22.57
CA LYS B 131 23.96 -27.79 -22.63
C LYS B 131 25.22 -28.60 -22.36
N ASN B 132 26.38 -28.05 -22.73
CA ASN B 132 27.66 -28.75 -22.66
C ASN B 132 28.27 -28.88 -21.27
N VAL B 133 27.83 -28.03 -20.34
CA VAL B 133 28.34 -28.05 -18.98
C VAL B 133 27.68 -29.17 -18.17
N ASN B 134 28.47 -30.19 -17.85
CA ASN B 134 28.00 -31.36 -17.12
C ASN B 134 28.13 -31.19 -15.59
N SER B 135 27.65 -32.19 -14.85
CA SER B 135 27.64 -32.15 -13.39
C SER B 135 29.04 -32.11 -12.76
N THR B 136 30.02 -32.67 -13.45
CA THR B 136 31.41 -32.64 -13.01
C THR B 136 32.02 -31.24 -13.16
N ASP B 137 31.58 -30.53 -14.20
CA ASP B 137 31.94 -29.13 -14.40
C ASP B 137 31.22 -28.23 -13.40
N LYS B 138 29.95 -28.55 -13.14
CA LYS B 138 29.14 -27.81 -12.17
C LYS B 138 29.67 -28.00 -10.74
N LYS B 139 30.24 -29.18 -10.49
CA LYS B 139 30.87 -29.49 -9.21
C LYS B 139 32.07 -28.58 -8.96
N TYR B 140 32.88 -28.36 -10.01
CA TYR B 140 34.01 -27.44 -9.95
C TYR B 140 33.56 -26.00 -9.70
N VAL B 141 32.54 -25.57 -10.43
CA VAL B 141 31.97 -24.22 -10.30
C VAL B 141 31.44 -23.98 -8.89
N ASN B 142 30.66 -24.93 -8.37
CA ASN B 142 30.12 -24.84 -7.01
C ASN B 142 31.18 -24.86 -5.89
N ASP B 143 32.32 -25.49 -6.16
CA ASP B 143 33.40 -25.58 -5.18
C ASP B 143 34.39 -24.40 -5.24
N ILE B 144 34.55 -23.83 -6.43
CA ILE B 144 35.41 -22.66 -6.62
C ILE B 144 34.82 -21.42 -5.94
N PHE B 145 33.51 -21.22 -6.10
CA PHE B 145 32.86 -20.00 -5.64
C PHE B 145 32.27 -20.07 -4.24
N ASN B 146 31.93 -21.27 -3.78
CA ASN B 146 31.50 -21.46 -2.39
C ASN B 146 32.64 -21.30 -1.38
N SER B 147 33.87 -21.38 -1.88
CA SER B 147 35.07 -21.22 -1.06
C SER B 147 35.28 -19.77 -0.62
N CYS B 148 34.75 -18.83 -1.40
CA CYS B 148 34.84 -17.41 -1.08
C CYS B 148 33.48 -16.71 -1.14
N GLY B 149 32.43 -17.45 -0.78
CA GLY B 149 31.07 -16.90 -0.76
C GLY B 149 29.99 -17.95 -0.94
N ILE B 150 28.84 -17.52 -1.44
CA ILE B 150 27.70 -18.41 -1.67
C ILE B 150 27.24 -18.30 -3.12
N ILE B 151 27.18 -19.44 -3.81
CA ILE B 151 26.76 -19.48 -5.21
C ILE B 151 25.40 -20.17 -5.40
N HIS B 152 24.58 -19.61 -6.29
CA HIS B 152 23.27 -20.18 -6.62
C HIS B 152 23.13 -20.41 -8.11
N GLU B 153 22.62 -21.57 -8.49
CA GLU B 153 22.29 -21.84 -9.89
C GLU B 153 20.88 -21.36 -10.17
N ILE B 154 20.75 -20.47 -11.15
CA ILE B 154 19.46 -19.90 -11.53
C ILE B 154 19.22 -19.98 -13.03
N LYS B 155 17.98 -19.69 -13.45
CA LYS B 155 17.63 -19.62 -14.86
C LYS B 155 18.37 -18.47 -15.54
N GLU B 156 18.62 -18.62 -16.85
CA GLU B 156 19.31 -17.60 -17.63
C GLU B 156 18.49 -16.32 -17.73
N LYS B 157 17.16 -16.47 -17.76
CA LYS B 157 16.25 -15.33 -17.80
C LYS B 157 16.25 -14.50 -16.51
N ASP B 158 16.66 -15.12 -15.41
CA ASP B 158 16.69 -14.48 -14.09
C ASP B 158 18.02 -13.80 -13.78
N ASP B 160 19.63 -11.28 -15.16
CA ASP B 160 19.66 -9.82 -15.26
C ASP B 160 19.24 -9.12 -13.96
N ILE B 161 18.12 -9.56 -13.39
CA ILE B 161 17.64 -9.03 -12.10
C ILE B 161 18.55 -9.47 -10.94
N ALA B 162 19.10 -10.67 -11.05
CA ALA B 162 20.04 -11.18 -10.05
C ALA B 162 21.35 -10.41 -10.09
N THR B 163 21.79 -10.01 -11.29
CA THR B 163 22.94 -9.13 -11.45
C THR B 163 22.66 -7.79 -10.76
N ALA B 164 21.47 -7.25 -11.01
CA ALA B 164 21.04 -5.97 -10.45
C ALA B 164 21.04 -5.95 -8.92
N ILE B 165 20.72 -7.08 -8.31
CA ILE B 165 20.69 -7.20 -6.85
C ILE B 165 22.03 -7.67 -6.27
N SER B 166 22.56 -8.77 -6.79
CA SER B 166 23.75 -9.41 -6.23
C SER B 166 25.06 -8.80 -6.75
N GLY B 167 25.13 -8.54 -8.05
CA GLY B 167 26.34 -7.99 -8.67
C GLY B 167 26.50 -6.49 -8.46
N CYS B 168 25.39 -5.76 -8.56
CA CYS B 168 25.38 -4.31 -8.36
C CYS B 168 25.13 -3.93 -6.91
N GLY B 169 24.44 -4.82 -6.20
CA GLY B 169 24.03 -4.59 -4.81
C GLY B 169 25.02 -3.93 -3.87
N PRO B 170 26.30 -4.38 -3.86
CA PRO B 170 27.30 -3.77 -2.97
C PRO B 170 27.35 -2.24 -3.06
N ALA B 171 27.16 -1.69 -4.25
CA ALA B 171 27.18 -0.24 -4.44
C ALA B 171 26.02 0.47 -3.76
N TYR B 172 24.85 -0.18 -3.76
CA TYR B 172 23.68 0.37 -3.07
C TYR B 172 23.89 0.32 -1.56
N VAL B 173 24.53 -0.75 -1.09
CA VAL B 173 24.79 -0.97 0.33
C VAL B 173 25.88 -0.01 0.82
N TYR B 174 26.93 0.17 0.01
CA TYR B 174 27.99 1.12 0.33
C TYR B 174 27.45 2.55 0.44
N LEU B 175 26.54 2.91 -0.47
CA LEU B 175 25.91 4.23 -0.46
C LEU B 175 24.98 4.37 0.74
N PHE B 176 24.31 3.27 1.09
CA PHE B 176 23.44 3.20 2.26
C PHE B 176 24.25 3.42 3.54
N ILE B 177 25.39 2.73 3.63
CA ILE B 177 26.33 2.89 4.75
C ILE B 177 26.87 4.32 4.78
N GLU B 178 27.31 4.81 3.63
CA GLU B 178 27.82 6.16 3.46
C GLU B 178 26.83 7.24 3.97
N SER B 179 25.56 7.07 3.61
CA SER B 179 24.52 8.04 3.95
C SER B 179 24.19 8.03 5.45
N LEU B 180 24.29 6.85 6.06
CA LEU B 180 24.07 6.70 7.50
C LEU B 180 25.23 7.26 8.31
N ILE B 181 26.45 7.16 7.76
CA ILE B 181 27.64 7.73 8.40
C ILE B 181 27.62 9.27 8.34
N ASP B 182 27.30 9.81 7.16
CA ASP B 182 27.21 11.26 6.96
C ASP B 182 26.14 11.91 7.83
N ALA B 183 25.05 11.20 8.06
CA ALA B 183 23.96 11.66 8.92
C ALA B 183 24.42 11.72 10.38
N GLY B 184 25.28 10.77 10.76
CA GLY B 184 25.88 10.74 12.07
C GLY B 184 26.88 11.85 12.28
N VAL B 185 27.74 12.07 11.28
CA VAL B 185 28.73 13.15 11.31
C VAL B 185 28.05 14.52 11.33
N LYS B 186 27.01 14.70 10.52
CA LYS B 186 26.26 15.96 10.48
C LYS B 186 25.73 16.36 11.86
N ASN B 187 25.31 15.37 12.62
CA ASN B 187 24.64 15.61 13.90
C ASN B 187 25.51 15.33 15.13
N GLY B 188 26.83 15.43 14.96
CA GLY B 188 27.75 15.46 16.11
C GLY B 188 28.70 14.31 16.31
N LEU B 189 28.40 13.16 15.69
CA LEU B 189 29.25 11.98 15.86
C LEU B 189 30.49 12.02 14.97
N SER B 190 31.56 11.37 15.43
CA SER B 190 32.76 11.22 14.62
C SER B 190 32.49 10.22 13.50
N ARG B 191 33.28 10.32 12.42
CA ARG B 191 33.15 9.41 11.29
C ARG B 191 33.48 7.96 11.68
N GLU B 192 34.41 7.79 12.61
CA GLU B 192 34.80 6.49 13.14
C GLU B 192 33.67 5.83 13.95
N LEU B 193 33.05 6.61 14.83
CA LEU B 193 31.97 6.10 15.69
C LEU B 193 30.70 5.85 14.89
N SER B 194 30.43 6.73 13.92
CA SER B 194 29.31 6.56 13.02
C SER B 194 29.45 5.26 12.22
N LYS B 195 30.64 5.02 11.69
CA LYS B 195 30.95 3.80 10.94
C LYS B 195 30.73 2.54 11.78
N ASN B 196 31.30 2.53 12.98
CA ASN B 196 31.17 1.40 13.91
C ASN B 196 29.72 1.10 14.27
N LEU B 197 28.94 2.15 14.51
CA LEU B 197 27.52 2.03 14.86
C LEU B 197 26.68 1.56 13.69
N VAL B 198 26.96 2.09 12.50
CA VAL B 198 26.24 1.73 11.27
C VAL B 198 26.47 0.27 10.90
N LEU B 199 27.74 -0.14 10.86
CA LEU B 199 28.11 -1.50 10.46
C LEU B 199 27.52 -2.57 11.39
N GLN B 200 27.59 -2.31 12.70
CA GLN B 200 27.06 -3.24 13.70
C GLN B 200 25.53 -3.32 13.64
N THR B 201 24.89 -2.17 13.42
CA THR B 201 23.43 -2.11 13.27
C THR B 201 22.96 -2.91 12.06
N ILE B 202 23.70 -2.81 10.95
CA ILE B 202 23.39 -3.58 9.75
C ILE B 202 23.71 -5.06 9.95
N LYS B 203 24.88 -5.33 10.53
CA LYS B 203 25.31 -6.70 10.85
C LYS B 203 24.26 -7.44 11.68
N GLY B 204 23.74 -6.76 12.69
CA GLY B 204 22.72 -7.31 13.56
C GLY B 204 21.37 -7.51 12.88
N SER B 205 20.99 -6.54 12.04
CA SER B 205 19.71 -6.58 11.33
C SER B 205 19.61 -7.73 10.33
N VAL B 206 20.71 -7.97 9.61
CA VAL B 206 20.81 -9.08 8.66
C VAL B 206 20.77 -10.42 9.39
N GLU B 207 21.46 -10.48 10.53
CA GLU B 207 21.48 -11.68 11.37
C GLU B 207 20.09 -12.00 11.93
N VAL B 209 17.21 -11.25 10.37
CA VAL B 209 16.39 -11.72 9.23
C VAL B 209 16.64 -13.19 8.93
N LYS B 210 17.90 -13.61 9.00
CA LYS B 210 18.30 -15.00 8.72
C LYS B 210 17.79 -15.98 9.77
N LYS B 211 17.83 -15.57 11.04
CA LYS B 211 17.53 -16.46 12.17
C LYS B 211 16.07 -16.47 12.59
N SER B 212 15.41 -15.32 12.50
CA SER B 212 14.03 -15.17 12.97
C SER B 212 13.01 -15.92 12.14
N ASP B 213 11.98 -16.42 12.81
CA ASP B 213 10.84 -17.04 12.16
C ASP B 213 9.84 -15.98 11.69
N GLN B 214 10.09 -14.74 12.08
CA GLN B 214 9.26 -13.59 11.69
C GLN B 214 9.78 -12.96 10.40
N PRO B 215 8.87 -12.51 9.52
CA PRO B 215 9.26 -11.84 8.27
C PRO B 215 9.89 -10.46 8.52
N VAL B 216 10.66 -9.96 7.55
CA VAL B 216 11.35 -8.66 7.64
C VAL B 216 10.47 -7.53 8.17
N GLN B 217 9.23 -7.48 7.70
CA GLN B 217 8.32 -6.39 8.02
C GLN B 217 7.85 -6.44 9.47
N GLN B 218 7.72 -7.64 10.02
CA GLN B 218 7.33 -7.82 11.41
C GLN B 218 8.48 -7.45 12.34
N LEU B 219 9.70 -7.80 11.93
CA LEU B 219 10.91 -7.40 12.64
C LEU B 219 11.08 -5.88 12.63
N LYS B 220 10.63 -5.27 11.54
CA LYS B 220 10.58 -3.82 11.38
C LYS B 220 9.52 -3.20 12.27
N ASP B 221 8.40 -3.91 12.46
CA ASP B 221 7.31 -3.44 13.31
C ASP B 221 7.69 -3.44 14.78
N ASN B 222 8.48 -4.43 15.19
CA ASN B 222 8.90 -4.61 16.59
C ASN B 222 9.73 -3.45 17.12
N ILE B 223 10.47 -2.81 16.23
CA ILE B 223 11.33 -1.69 16.60
C ILE B 223 10.56 -0.37 16.72
N VAL B 224 9.37 -0.33 16.14
CA VAL B 224 8.51 0.86 16.19
C VAL B 224 7.72 0.92 17.50
N SER B 225 8.33 1.49 18.52
CA SER B 225 7.67 1.72 19.80
C SER B 225 6.58 2.79 19.62
N PRO B 226 5.35 2.49 20.05
CA PRO B 226 4.22 3.41 19.87
C PRO B 226 4.49 4.83 20.38
N GLY B 227 4.35 5.80 19.49
CA GLY B 227 4.59 7.21 19.82
C GLY B 227 6.06 7.55 19.94
N GLY B 228 6.91 6.66 19.42
CA GLY B 228 8.35 6.75 19.64
C GLY B 228 9.16 7.39 18.53
N ILE B 229 10.47 7.17 18.59
CA ILE B 229 11.44 7.80 17.73
C ILE B 229 11.50 7.17 16.33
N THR B 230 11.61 5.83 16.31
CA THR B 230 11.69 5.06 15.06
C THR B 230 10.53 5.34 14.10
N ALA B 231 9.32 5.47 14.67
CA ALA B 231 8.11 5.79 13.91
C ALA B 231 8.24 7.07 13.10
N VAL B 232 8.97 8.05 13.64
CA VAL B 232 9.17 9.33 12.98
C VAL B 232 10.20 9.22 11.84
N GLY B 233 11.24 8.42 12.06
CA GLY B 233 12.25 8.17 11.05
C GLY B 233 11.72 7.34 9.89
N LEU B 234 10.82 6.41 10.19
CA LEU B 234 10.23 5.53 9.20
C LEU B 234 9.16 6.26 8.40
N TYR B 235 8.48 7.20 9.07
CA TYR B 235 7.51 8.10 8.45
C TYR B 235 8.19 8.98 7.40
N SER B 236 9.41 9.42 7.71
CA SER B 236 10.23 10.21 6.81
C SER B 236 10.60 9.45 5.53
N LEU B 237 10.95 8.17 5.69
CA LEU B 237 11.30 7.30 4.56
C LEU B 237 10.12 7.09 3.61
N GLU B 238 8.91 6.99 4.18
CA GLU B 238 7.68 6.82 3.40
C GLU B 238 7.32 8.09 2.63
N LYS B 239 7.58 9.24 3.24
CA LYS B 239 7.34 10.54 2.61
C LYS B 239 8.20 10.71 1.35
N ASN B 240 9.45 10.27 1.43
CA ASN B 240 10.39 10.43 0.32
C ASN B 240 10.52 9.17 -0.55
N SER B 241 9.52 8.29 -0.47
CA SER B 241 9.44 7.07 -1.28
C SER B 241 10.70 6.21 -1.26
N PHE B 242 11.21 5.92 -0.06
CA PHE B 242 12.42 5.12 0.10
C PHE B 242 12.35 3.76 -0.60
N LYS B 243 11.23 3.05 -0.44
CA LYS B 243 11.04 1.75 -1.07
C LYS B 243 11.10 1.83 -2.60
N TYR B 244 10.30 2.74 -3.16
CA TYR B 244 10.29 2.96 -4.61
C TYR B 244 11.67 3.31 -5.16
N THR B 245 12.37 4.21 -4.47
CA THR B 245 13.73 4.61 -4.83
C THR B 245 14.66 3.40 -4.99
N VAL B 246 14.68 2.54 -3.97
CA VAL B 246 15.50 1.34 -3.96
C VAL B 246 15.07 0.38 -5.08
N ASN B 248 13.27 1.11 -7.83
CA ASN B 248 13.49 1.78 -9.12
C ASN B 248 14.94 1.67 -9.59
N ALA B 249 15.87 1.72 -8.66
CA ALA B 249 17.30 1.60 -8.96
C ALA B 249 17.65 0.20 -9.44
N VAL B 250 17.12 -0.81 -8.75
CA VAL B 250 17.35 -2.20 -9.09
C VAL B 250 16.77 -2.52 -10.47
N GLU B 251 15.57 -2.01 -10.74
CA GLU B 251 14.91 -2.24 -12.03
C GLU B 251 15.65 -1.54 -13.17
N ALA B 252 16.13 -0.33 -12.92
CA ALA B 252 16.93 0.43 -13.89
C ALA B 252 18.20 -0.34 -14.26
N ALA B 253 18.86 -0.89 -13.25
CA ALA B 253 20.02 -1.75 -13.45
C ALA B 253 19.65 -3.02 -14.23
N CYS B 254 18.49 -3.59 -13.91
CA CYS B 254 17.97 -4.77 -14.60
C CYS B 254 17.70 -4.49 -16.08
N GLU B 255 17.13 -3.31 -16.36
CA GLU B 255 16.88 -2.86 -17.74
C GLU B 255 18.17 -2.77 -18.54
N LYS B 256 19.21 -2.19 -17.92
CA LYS B 256 20.52 -2.03 -18.54
C LYS B 256 21.16 -3.37 -18.87
N SER B 257 21.08 -4.31 -17.94
CA SER B 257 21.61 -5.66 -18.11
C SER B 257 20.98 -6.35 -19.32
N LYS B 258 19.66 -6.23 -19.45
CA LYS B 258 18.92 -6.81 -20.58
C LYS B 258 19.25 -6.13 -21.91
N ALA B 259 19.35 -4.80 -21.87
CA ALA B 259 19.68 -4.01 -23.06
C ALA B 259 21.07 -4.33 -23.61
N GLY B 261 22.33 -7.28 -23.15
CA GLY B 261 22.16 -8.68 -23.57
C GLY B 261 21.27 -8.86 -24.79
N SER B 262 20.87 -7.74 -25.40
CA SER B 262 20.07 -7.76 -26.62
C SER B 262 20.96 -7.67 -27.86
N GLU C 3 27.70 -14.17 37.75
CA GLU C 3 26.62 -15.15 37.84
C GLU C 3 25.71 -14.94 39.05
N ASN C 4 26.19 -14.17 40.03
CA ASN C 4 25.53 -14.04 41.32
C ASN C 4 24.60 -12.83 41.45
N ILE C 5 24.80 -11.81 40.62
CA ILE C 5 23.98 -10.61 40.66
C ILE C 5 22.61 -10.81 40.04
N LYS C 6 21.62 -10.08 40.53
CA LYS C 6 20.23 -10.22 40.11
C LYS C 6 19.83 -9.09 39.17
N LEU C 7 19.37 -9.45 37.98
CA LEU C 7 18.98 -8.51 36.95
C LEU C 7 17.46 -8.51 36.79
N GLY C 8 16.86 -7.33 36.80
CA GLY C 8 15.41 -7.20 36.66
C GLY C 8 15.01 -6.30 35.50
N PHE C 9 13.99 -6.73 34.77
CA PHE C 9 13.47 -5.98 33.62
C PHE C 9 12.06 -5.50 33.91
N GLY C 11 9.02 -4.37 32.36
CA GLY C 11 8.36 -4.41 31.06
C GLY C 11 9.11 -5.31 30.09
N LEU C 12 8.41 -6.32 29.58
CA LEU C 12 8.96 -7.19 28.55
C LEU C 12 8.18 -7.07 27.24
N GLY C 13 8.32 -5.92 26.59
CA GLY C 13 7.71 -5.68 25.29
C GLY C 13 8.59 -6.22 24.18
N GLN C 14 8.70 -5.47 23.10
CA GLN C 14 9.52 -5.87 21.96
C GLN C 14 11.02 -5.73 22.23
N GLY C 16 12.26 -5.07 25.50
CA GLY C 16 12.48 -5.71 26.79
C GLY C 16 12.84 -7.18 26.64
N SER C 17 12.02 -7.91 25.89
CA SER C 17 12.21 -9.35 25.66
C SER C 17 13.47 -9.65 24.85
N ALA C 18 13.74 -8.83 23.84
CA ALA C 18 14.93 -9.00 22.99
C ALA C 18 16.21 -8.83 23.79
N LEU C 19 16.23 -7.83 24.68
CA LEU C 19 17.38 -7.57 25.54
C LEU C 19 17.51 -8.65 26.63
N ALA C 20 16.36 -9.05 27.19
CA ALA C 20 16.32 -10.07 28.24
C ALA C 20 16.80 -11.42 27.74
N HIS C 21 16.27 -11.87 26.61
CA HIS C 21 16.64 -13.15 26.02
C HIS C 21 18.03 -13.13 25.38
N GLY C 22 18.49 -11.93 25.02
CA GLY C 22 19.83 -11.73 24.50
C GLY C 22 20.89 -11.96 25.56
N ILE C 23 20.64 -11.47 26.77
CA ILE C 23 21.53 -11.68 27.91
C ILE C 23 21.42 -13.12 28.42
N ALA C 24 20.20 -13.66 28.41
CA ALA C 24 19.92 -15.03 28.83
C ALA C 24 20.70 -16.07 28.01
N ASN C 25 20.72 -15.88 26.69
CA ASN C 25 21.42 -16.79 25.77
C ASN C 25 22.94 -16.66 25.84
N ALA C 26 23.43 -15.56 26.40
CA ALA C 26 24.86 -15.31 26.54
C ALA C 26 25.46 -16.06 27.73
N ASN C 27 24.61 -16.44 28.68
CA ASN C 27 25.01 -17.13 29.90
C ASN C 27 26.14 -16.45 30.68
N ILE C 28 25.84 -15.25 31.18
CA ILE C 28 26.76 -14.50 32.04
C ILE C 28 26.14 -14.32 33.43
N ILE C 29 24.81 -14.35 33.46
CA ILE C 29 24.03 -14.25 34.70
C ILE C 29 23.08 -15.44 34.78
N LYS C 30 23.06 -16.11 35.94
CA LYS C 30 22.24 -17.31 36.16
C LYS C 30 20.78 -17.13 35.75
N LYS C 31 20.21 -18.20 35.21
CA LYS C 31 18.82 -18.21 34.75
C LYS C 31 17.84 -17.78 35.85
N GLU C 32 18.07 -18.29 37.06
CA GLU C 32 17.21 -17.96 38.21
C GLU C 32 17.38 -16.52 38.72
N ASN C 33 18.45 -15.86 38.30
CA ASN C 33 18.75 -14.49 38.71
C ASN C 33 18.19 -13.40 37.79
N LEU C 34 17.54 -13.82 36.71
CA LEU C 34 16.90 -12.89 35.78
C LEU C 34 15.41 -12.77 36.08
N PHE C 35 14.96 -11.54 36.33
CA PHE C 35 13.57 -11.28 36.74
C PHE C 35 12.89 -10.25 35.84
N TYR C 36 11.56 -10.24 35.86
CA TYR C 36 10.77 -9.27 35.09
C TYR C 36 9.39 -9.01 35.71
N TYR C 37 8.81 -7.87 35.38
CA TYR C 37 7.40 -7.60 35.66
C TYR C 37 6.70 -6.93 34.47
N GLY C 38 5.45 -7.33 34.25
CA GLY C 38 4.56 -6.67 33.31
C GLY C 38 3.12 -6.81 33.79
N PRO C 39 2.21 -5.94 33.28
CA PRO C 39 0.78 -6.05 33.63
C PRO C 39 0.16 -7.36 33.16
N SER C 40 0.85 -8.04 32.25
CA SER C 40 0.47 -9.37 31.79
C SER C 40 1.71 -10.25 31.71
N LYS C 41 1.56 -11.52 32.13
CA LYS C 41 2.66 -12.49 32.08
C LYS C 41 3.05 -12.80 30.64
N LYS C 42 4.35 -12.94 30.40
CA LYS C 42 4.87 -13.13 29.05
C LYS C 42 5.45 -14.54 28.85
N ASN C 43 5.45 -14.99 27.60
CA ASN C 43 6.08 -16.26 27.24
C ASN C 43 7.60 -16.11 27.24
N THR C 44 8.20 -16.31 28.42
CA THR C 44 9.62 -16.05 28.62
C THR C 44 10.25 -16.99 29.65
N THR C 45 11.56 -17.15 29.56
CA THR C 45 12.32 -17.99 30.49
C THR C 45 12.64 -17.26 31.80
N LEU C 46 12.49 -15.93 31.79
CA LEU C 46 12.75 -15.10 32.96
C LEU C 46 11.69 -15.28 34.04
N ASN C 47 12.10 -15.11 35.30
CA ASN C 47 11.23 -15.31 36.45
C ASN C 47 10.32 -14.12 36.70
N TYR C 48 9.02 -14.37 36.73
CA TYR C 48 8.01 -13.33 36.97
C TYR C 48 8.04 -12.83 38.40
N SER C 50 5.97 -9.99 41.23
CA SER C 50 4.63 -9.44 41.51
C SER C 50 4.45 -7.97 41.10
N SER C 51 5.50 -7.17 41.27
CA SER C 51 5.45 -5.74 40.94
C SER C 51 6.83 -5.17 40.62
N ASN C 52 6.86 -3.95 40.11
CA ASN C 52 8.11 -3.23 39.86
C ASN C 52 8.85 -2.86 41.14
N GLU C 53 8.09 -2.58 42.19
CA GLU C 53 8.63 -2.24 43.51
C GLU C 53 9.36 -3.43 44.14
N GLU C 54 8.74 -4.61 44.02
CA GLU C 54 9.34 -5.87 44.47
C GLU C 54 10.59 -6.20 43.64
N LEU C 55 10.50 -5.94 42.34
CA LEU C 55 11.62 -6.12 41.41
C LEU C 55 12.79 -5.21 41.78
N ALA C 56 12.48 -3.96 42.13
CA ALA C 56 13.49 -2.99 42.55
C ALA C 56 14.13 -3.41 43.87
N ARG C 57 13.31 -3.90 44.80
CA ARG C 57 13.78 -4.35 46.12
C ARG C 57 14.72 -5.55 46.02
N HIS C 58 14.43 -6.44 45.08
CA HIS C 58 15.14 -7.71 44.96
C HIS C 58 16.42 -7.63 44.14
N CYS C 59 16.34 -7.01 42.96
CA CYS C 59 17.43 -7.01 41.99
C CYS C 59 18.52 -6.00 42.31
N ASP C 60 19.76 -6.33 41.93
CA ASP C 60 20.90 -5.44 42.07
C ASP C 60 20.93 -4.42 40.94
N ILE C 61 20.51 -4.86 39.75
CA ILE C 61 20.45 -4.01 38.57
C ILE C 61 19.01 -4.01 38.02
N ILE C 62 18.47 -2.81 37.84
CA ILE C 62 17.08 -2.64 37.38
C ILE C 62 17.04 -1.99 36.01
N VAL C 63 16.32 -2.62 35.09
CA VAL C 63 16.19 -2.12 33.72
C VAL C 63 14.80 -1.55 33.47
N CYS C 64 14.75 -0.29 33.03
CA CYS C 64 13.49 0.36 32.68
C CYS C 64 13.20 0.19 31.19
N ALA C 65 12.36 -0.79 30.87
CA ALA C 65 12.07 -1.16 29.49
C ALA C 65 10.64 -0.81 29.07
N VAL C 66 10.07 0.21 29.71
CA VAL C 66 8.72 0.66 29.39
C VAL C 66 8.74 1.83 28.41
N LYS C 67 7.59 2.11 27.79
CA LYS C 67 7.41 3.28 26.93
C LYS C 67 7.64 4.58 27.72
N PRO C 68 8.27 5.58 27.08
CA PRO C 68 8.66 6.82 27.74
C PRO C 68 7.51 7.61 28.39
N ASP C 69 6.30 7.45 27.86
CA ASP C 69 5.14 8.20 28.36
C ASP C 69 4.61 7.69 29.70
N ILE C 70 4.99 6.47 30.07
CA ILE C 70 4.59 5.90 31.36
C ILE C 70 5.80 5.68 32.29
N ALA C 71 7.00 5.91 31.75
CA ALA C 71 8.25 5.73 32.50
C ALA C 71 8.33 6.63 33.74
N GLY C 72 7.71 7.81 33.67
CA GLY C 72 7.72 8.76 34.78
C GLY C 72 7.05 8.26 36.04
N SER C 73 5.86 7.66 35.89
CA SER C 73 5.12 7.11 37.01
C SER C 73 5.70 5.78 37.50
N VAL C 74 6.22 4.98 36.57
CA VAL C 74 6.86 3.69 36.90
C VAL C 74 8.13 3.91 37.73
N LEU C 75 8.94 4.88 37.33
CA LEU C 75 10.16 5.23 38.06
C LEU C 75 9.87 5.93 39.40
N ASN C 76 8.73 6.61 39.47
CA ASN C 76 8.28 7.26 40.70
C ASN C 76 7.89 6.23 41.77
N ASN C 77 7.34 5.10 41.33
CA ASN C 77 6.91 4.04 42.24
C ASN C 77 8.07 3.26 42.86
N ILE C 78 9.18 3.16 42.11
CA ILE C 78 10.37 2.43 42.58
C ILE C 78 11.43 3.37 43.16
N LYS C 79 11.06 4.64 43.33
CA LYS C 79 11.95 5.69 43.82
C LYS C 79 12.57 5.41 45.20
N PRO C 80 11.78 4.91 46.18
CA PRO C 80 12.39 4.65 47.49
C PRO C 80 13.10 3.31 47.61
N TYR C 81 13.18 2.55 46.51
CA TYR C 81 13.76 1.21 46.54
C TYR C 81 15.04 1.07 45.71
N LEU C 82 15.56 2.20 45.22
CA LEU C 82 16.72 2.21 44.32
C LEU C 82 18.04 2.57 45.00
N SER C 83 18.02 2.66 46.33
CA SER C 83 19.22 3.04 47.10
C SER C 83 20.34 2.00 46.93
N SER C 84 21.52 2.50 46.57
CA SER C 84 22.71 1.67 46.31
C SER C 84 22.56 0.67 45.15
N LYS C 85 21.53 0.85 44.34
CA LYS C 85 21.25 -0.04 43.21
C LYS C 85 21.46 0.65 41.87
N LEU C 86 21.89 -0.13 40.88
CA LEU C 86 22.18 0.39 39.55
C LEU C 86 20.91 0.40 38.69
N LEU C 87 20.50 1.60 38.28
CA LEU C 87 19.35 1.76 37.40
C LEU C 87 19.82 2.01 35.96
N ILE C 88 19.41 1.12 35.06
CA ILE C 88 19.69 1.30 33.63
C ILE C 88 18.39 1.58 32.89
N SER C 89 18.39 2.65 32.11
CA SER C 89 17.20 3.04 31.34
C SER C 89 17.47 2.92 29.84
N ILE C 90 16.57 2.23 29.15
CA ILE C 90 16.66 2.07 27.70
C ILE C 90 15.61 2.92 26.98
N CYS C 91 14.89 3.72 27.75
CA CYS C 91 13.85 4.61 27.20
C CYS C 91 14.42 5.62 26.23
N GLY C 92 13.79 5.73 25.07
CA GLY C 92 14.20 6.67 24.03
C GLY C 92 13.84 8.10 24.38
N GLY C 93 14.76 9.02 24.11
CA GLY C 93 14.54 10.44 24.33
C GLY C 93 14.85 10.90 25.75
N LEU C 94 14.41 10.12 26.73
CA LEU C 94 14.56 10.47 28.14
C LEU C 94 16.02 10.44 28.60
N ASN C 95 16.65 11.61 28.58
CA ASN C 95 18.05 11.75 28.95
C ASN C 95 18.27 11.72 30.47
N ILE C 96 19.54 11.81 30.89
CA ILE C 96 19.90 11.78 32.30
C ILE C 96 19.21 12.88 33.10
N GLY C 97 19.14 14.09 32.54
CA GLY C 97 18.41 15.20 33.13
C GLY C 97 16.96 14.84 33.43
N LYS C 98 16.30 14.20 32.46
CA LYS C 98 14.91 13.75 32.62
C LYS C 98 14.77 12.59 33.61
N LEU C 99 15.77 11.71 33.64
CA LEU C 99 15.74 10.55 34.53
C LEU C 99 16.01 10.95 35.98
N GLU C 100 16.99 11.81 36.20
CA GLU C 100 17.30 12.36 37.53
C GLU C 100 16.13 13.19 38.08
N GLU C 101 15.29 13.67 37.16
CA GLU C 101 14.06 14.39 37.51
C GLU C 101 12.98 13.40 37.95
N VAL C 103 13.58 10.01 39.20
CA VAL C 103 13.97 9.22 40.37
C VAL C 103 14.87 9.96 41.36
N GLY C 104 15.54 11.01 40.89
CA GLY C 104 16.47 11.76 41.72
C GLY C 104 17.91 11.53 41.33
N SER C 105 18.71 12.59 41.37
CA SER C 105 20.12 12.54 40.98
C SER C 105 21.00 11.74 41.95
N GLU C 106 20.41 11.35 43.09
CA GLU C 106 21.10 10.58 44.12
C GLU C 106 21.34 9.13 43.68
N ASN C 107 20.47 8.64 42.80
CA ASN C 107 20.54 7.26 42.30
C ASN C 107 21.65 7.04 41.28
N LYS C 108 22.04 5.77 41.13
CA LYS C 108 22.98 5.36 40.08
C LYS C 108 22.21 5.16 38.78
N ILE C 109 22.35 6.11 37.87
CA ILE C 109 21.57 6.10 36.64
C ILE C 109 22.48 6.05 35.42
N VAL C 110 22.23 5.06 34.56
CA VAL C 110 22.92 4.94 33.27
C VAL C 110 21.89 4.81 32.14
N TRP C 111 22.07 5.62 31.10
CA TRP C 111 21.19 5.60 29.94
C TRP C 111 21.82 4.77 28.84
N VAL C 112 21.23 3.61 28.56
CA VAL C 112 21.73 2.70 27.53
C VAL C 112 20.73 2.64 26.37
N PRO C 114 19.85 0.37 23.27
CA PRO C 114 20.02 -0.90 22.58
C PRO C 114 19.27 -1.00 21.25
N ASN C 115 19.46 -2.11 20.55
CA ASN C 115 18.60 -2.48 19.43
C ASN C 115 18.24 -3.97 19.47
N THR C 116 17.15 -4.35 18.80
CA THR C 116 16.64 -5.73 18.84
C THR C 116 17.63 -6.83 18.41
N PRO C 117 18.54 -6.55 17.45
CA PRO C 117 19.62 -7.49 17.10
C PRO C 117 20.40 -8.11 18.26
N CYS C 118 20.20 -7.60 19.48
CA CYS C 118 20.85 -8.18 20.66
C CYS C 118 20.26 -9.56 21.01
N LEU C 119 19.07 -9.83 20.48
CA LEU C 119 18.38 -11.12 20.62
C LEU C 119 19.19 -12.26 19.99
N VAL C 120 19.90 -11.96 18.91
CA VAL C 120 20.77 -12.94 18.25
C VAL C 120 22.25 -12.68 18.59
N GLY C 121 22.48 -11.89 19.63
CA GLY C 121 23.83 -11.62 20.14
C GLY C 121 24.63 -10.65 19.30
N GLU C 122 23.94 -9.83 18.51
CA GLU C 122 24.62 -8.91 17.60
C GLU C 122 24.06 -7.48 17.74
N GLY C 123 23.75 -7.10 18.96
CA GLY C 123 23.20 -5.78 19.26
C GLY C 123 24.22 -4.66 19.18
N SER C 124 23.71 -3.45 18.97
CA SER C 124 24.54 -2.25 19.03
C SER C 124 24.07 -1.39 20.20
N PHE C 125 25.01 -1.05 21.09
CA PHE C 125 24.68 -0.30 22.29
C PHE C 125 25.54 0.95 22.42
N ILE C 126 24.91 2.04 22.85
CA ILE C 126 25.61 3.24 23.29
C ILE C 126 25.10 3.62 24.67
N TYR C 127 26.00 4.12 25.53
CA TYR C 127 25.58 4.50 26.87
C TYR C 127 26.26 5.76 27.42
N CYS C 128 25.55 6.42 28.33
CA CYS C 128 26.10 7.51 29.14
C CYS C 128 25.55 7.36 30.55
N SER C 129 26.31 7.85 31.52
CA SER C 129 25.94 7.70 32.93
C SER C 129 26.09 9.00 33.71
N ASN C 130 25.41 9.09 34.84
CA ASN C 130 25.49 10.27 35.70
C ASN C 130 26.71 10.25 36.62
N LYS C 131 26.75 11.20 37.55
CA LYS C 131 27.90 11.41 38.45
C LYS C 131 28.12 10.24 39.42
N ASN C 132 27.04 9.55 39.76
CA ASN C 132 27.09 8.48 40.77
C ASN C 132 27.52 7.11 40.26
N VAL C 133 27.56 6.95 38.94
CA VAL C 133 28.01 5.71 38.32
C VAL C 133 29.54 5.70 38.21
N ASN C 134 30.17 4.77 38.93
CA ASN C 134 31.62 4.68 38.98
C ASN C 134 32.20 3.68 37.96
N SER C 135 33.49 3.39 38.09
CA SER C 135 34.19 2.49 37.17
C SER C 135 33.75 1.04 37.32
N THR C 136 33.43 0.63 38.55
CA THR C 136 32.99 -0.74 38.84
C THR C 136 31.57 -0.99 38.33
N ASP C 137 30.76 0.06 38.31
CA ASP C 137 29.41 0.00 37.76
C ASP C 137 29.45 -0.08 36.23
N LYS C 138 30.42 0.62 35.63
CA LYS C 138 30.63 0.60 34.18
C LYS C 138 31.24 -0.73 33.72
N LYS C 139 31.96 -1.39 34.63
CA LYS C 139 32.47 -2.74 34.41
C LYS C 139 31.31 -3.72 34.22
N TYR C 140 30.28 -3.58 35.04
CA TYR C 140 29.06 -4.37 34.91
C TYR C 140 28.31 -4.06 33.63
N VAL C 141 28.15 -2.77 33.33
CA VAL C 141 27.45 -2.31 32.12
C VAL C 141 28.12 -2.85 30.85
N ASN C 142 29.44 -2.67 30.74
CA ASN C 142 30.19 -3.15 29.59
C ASN C 142 30.08 -4.66 29.36
N ASP C 143 30.21 -5.42 30.44
CA ASP C 143 30.19 -6.89 30.36
C ASP C 143 28.81 -7.46 30.06
N ILE C 144 27.77 -6.78 30.52
CA ILE C 144 26.38 -7.21 30.29
C ILE C 144 26.00 -7.11 28.81
N PHE C 145 26.35 -5.98 28.18
CA PHE C 145 25.94 -5.71 26.81
C PHE C 145 26.94 -6.16 25.75
N ASN C 146 28.21 -6.31 26.14
CA ASN C 146 29.22 -6.90 25.25
C ASN C 146 29.05 -8.41 25.10
N SER C 147 28.23 -9.00 25.97
CA SER C 147 27.91 -10.42 25.91
C SER C 147 26.95 -10.74 24.77
N CYS C 148 26.12 -9.75 24.39
CA CYS C 148 25.15 -9.90 23.32
C CYS C 148 25.25 -8.78 22.28
N GLY C 149 26.44 -8.21 22.14
CA GLY C 149 26.68 -7.15 21.16
C GLY C 149 27.94 -6.35 21.41
N ILE C 150 27.96 -5.12 20.91
CA ILE C 150 29.08 -4.20 21.11
C ILE C 150 28.59 -2.88 21.71
N ILE C 151 29.14 -2.53 22.88
CA ILE C 151 28.75 -1.32 23.59
C ILE C 151 29.83 -0.22 23.55
N HIS C 152 29.39 1.03 23.39
CA HIS C 152 30.27 2.18 23.42
C HIS C 152 29.80 3.20 24.45
N GLU C 153 30.75 3.78 25.17
CA GLU C 153 30.46 4.90 26.06
C GLU C 153 30.62 6.20 25.28
N ILE C 154 29.53 6.95 25.18
CA ILE C 154 29.53 8.21 24.43
C ILE C 154 29.00 9.37 25.26
N LYS C 155 29.19 10.60 24.75
CA LYS C 155 28.66 11.80 25.39
C LYS C 155 27.14 11.79 25.41
N GLU C 156 26.56 12.41 26.44
CA GLU C 156 25.10 12.49 26.60
C GLU C 156 24.44 13.29 25.47
N LYS C 157 25.15 14.30 24.97
CA LYS C 157 24.67 15.10 23.84
C LYS C 157 24.60 14.28 22.54
N ASP C 158 25.43 13.24 22.47
CA ASP C 158 25.53 12.39 21.29
C ASP C 158 24.54 11.22 21.29
N ASP C 160 21.22 11.22 21.25
CA ASP C 160 20.05 11.41 20.38
C ASP C 160 20.30 10.98 18.94
N ILE C 161 21.47 11.33 18.40
CA ILE C 161 21.87 10.92 17.06
C ILE C 161 22.25 9.45 17.00
N ALA C 162 22.86 8.96 18.08
CA ALA C 162 23.22 7.54 18.18
C ALA C 162 21.98 6.66 18.27
N THR C 163 20.93 7.16 18.92
CA THR C 163 19.64 6.47 18.96
C THR C 163 19.01 6.42 17.56
N ALA C 164 19.14 7.52 16.83
CA ALA C 164 18.60 7.63 15.47
C ALA C 164 19.27 6.66 14.50
N ILE C 165 20.54 6.34 14.76
CA ILE C 165 21.31 5.41 13.92
C ILE C 165 21.28 3.98 14.47
N SER C 166 21.72 3.82 15.72
CA SER C 166 21.90 2.50 16.31
C SER C 166 20.58 1.90 16.82
N GLY C 167 19.78 2.71 17.49
CA GLY C 167 18.50 2.27 18.04
C GLY C 167 17.44 2.08 16.97
N CYS C 168 17.25 3.11 16.13
CA CYS C 168 16.23 3.10 15.08
C CYS C 168 16.74 2.42 13.81
N GLY C 169 18.06 2.36 13.67
CA GLY C 169 18.71 1.81 12.50
C GLY C 169 18.16 0.53 11.89
N PRO C 170 17.92 -0.52 12.73
CA PRO C 170 17.41 -1.77 12.18
C PRO C 170 16.18 -1.61 11.30
N ALA C 171 15.27 -0.72 11.69
CA ALA C 171 14.06 -0.44 10.92
C ALA C 171 14.36 0.05 9.50
N TYR C 172 15.39 0.88 9.36
CA TYR C 172 15.80 1.38 8.06
C TYR C 172 16.40 0.24 7.24
N VAL C 173 17.21 -0.58 7.89
CA VAL C 173 17.86 -1.73 7.26
C VAL C 173 16.81 -2.77 6.86
N TYR C 174 15.84 -3.04 7.73
CA TYR C 174 14.75 -3.95 7.41
C TYR C 174 13.98 -3.48 6.17
N LEU C 175 13.64 -2.19 6.13
CA LEU C 175 12.94 -1.58 5.00
C LEU C 175 13.79 -1.65 3.73
N PHE C 176 15.09 -1.42 3.90
CA PHE C 176 16.06 -1.53 2.81
C PHE C 176 16.07 -2.95 2.24
N ILE C 177 16.18 -3.94 3.13
CA ILE C 177 16.14 -5.36 2.77
C ILE C 177 14.80 -5.71 2.12
N GLU C 178 13.71 -5.25 2.73
CA GLU C 178 12.34 -5.46 2.23
C GLU C 178 12.16 -4.92 0.80
N SER C 179 12.75 -3.76 0.54
CA SER C 179 12.62 -3.09 -0.76
C SER C 179 13.42 -3.80 -1.86
N LEU C 180 14.59 -4.32 -1.48
CA LEU C 180 15.45 -5.03 -2.42
C LEU C 180 14.84 -6.37 -2.85
N ILE C 181 14.18 -7.04 -1.91
CA ILE C 181 13.45 -8.29 -2.20
C ILE C 181 12.27 -8.02 -3.12
N ASP C 182 11.47 -7.00 -2.79
CA ASP C 182 10.32 -6.59 -3.61
C ASP C 182 10.71 -6.27 -5.06
N ALA C 183 11.90 -5.70 -5.24
CA ALA C 183 12.43 -5.39 -6.57
C ALA C 183 12.78 -6.66 -7.33
N GLY C 184 13.33 -7.63 -6.62
CA GLY C 184 13.64 -8.94 -7.19
C GLY C 184 12.40 -9.71 -7.57
N VAL C 185 11.42 -9.71 -6.65
CA VAL C 185 10.15 -10.39 -6.87
C VAL C 185 9.40 -9.79 -8.07
N LYS C 186 9.39 -8.46 -8.15
CA LYS C 186 8.72 -7.76 -9.26
C LYS C 186 9.28 -8.17 -10.62
N ASN C 187 10.58 -8.42 -10.67
CA ASN C 187 11.27 -8.71 -11.92
C ASN C 187 11.60 -10.18 -12.15
N GLY C 188 10.83 -11.07 -11.53
CA GLY C 188 10.89 -12.51 -11.85
C GLY C 188 11.47 -13.45 -10.82
N LEU C 189 12.25 -12.93 -9.87
CA LEU C 189 12.87 -13.76 -8.84
C LEU C 189 11.88 -14.22 -7.79
N SER C 190 12.14 -15.36 -7.19
CA SER C 190 11.34 -15.85 -6.07
C SER C 190 11.68 -15.07 -4.81
N ARG C 191 10.71 -14.97 -3.90
CA ARG C 191 10.90 -14.24 -2.64
C ARG C 191 12.05 -14.83 -1.82
N GLU C 192 12.17 -16.15 -1.82
CA GLU C 192 13.22 -16.86 -1.08
C GLU C 192 14.61 -16.58 -1.64
N LEU C 193 14.76 -16.64 -2.96
CA LEU C 193 16.04 -16.38 -3.63
C LEU C 193 16.45 -14.92 -3.52
N SER C 194 15.50 -14.01 -3.73
CA SER C 194 15.73 -12.58 -3.57
C SER C 194 16.31 -12.29 -2.19
N LYS C 195 15.65 -12.81 -1.16
CA LYS C 195 16.10 -12.66 0.22
C LYS C 195 17.54 -13.14 0.41
N ASN C 196 17.83 -14.36 -0.06
CA ASN C 196 19.16 -14.96 0.06
C ASN C 196 20.25 -14.13 -0.59
N LEU C 197 19.98 -13.65 -1.80
CA LEU C 197 20.90 -12.80 -2.55
C LEU C 197 21.10 -11.45 -1.86
N VAL C 198 20.01 -10.86 -1.37
CA VAL C 198 20.05 -9.58 -0.66
C VAL C 198 20.91 -9.66 0.60
N LEU C 199 20.60 -10.61 1.48
CA LEU C 199 21.29 -10.75 2.76
C LEU C 199 22.78 -11.05 2.62
N GLN C 200 23.13 -11.83 1.60
CA GLN C 200 24.54 -12.16 1.33
C GLN C 200 25.30 -10.99 0.73
N THR C 201 24.61 -10.20 -0.11
CA THR C 201 25.18 -9.01 -0.71
C THR C 201 25.51 -7.96 0.35
N ILE C 202 24.58 -7.78 1.30
CA ILE C 202 24.78 -6.85 2.40
C ILE C 202 25.87 -7.33 3.36
N LYS C 203 25.83 -8.60 3.70
CA LYS C 203 26.82 -9.22 4.60
C LYS C 203 28.24 -9.03 4.08
N GLY C 204 28.43 -9.24 2.78
CA GLY C 204 29.72 -9.08 2.14
C GLY C 204 30.18 -7.63 2.04
N SER C 205 29.23 -6.73 1.78
CA SER C 205 29.52 -5.29 1.68
C SER C 205 29.96 -4.70 3.01
N VAL C 206 29.29 -5.10 4.10
CA VAL C 206 29.66 -4.68 5.45
C VAL C 206 31.07 -5.15 5.78
N GLU C 207 31.39 -6.38 5.39
CA GLU C 207 32.70 -6.98 5.62
C GLU C 207 33.81 -6.25 4.85
N VAL C 209 33.77 -2.97 3.98
CA VAL C 209 33.95 -1.71 4.70
C VAL C 209 34.77 -1.95 5.98
N LYS C 210 34.51 -3.09 6.61
CA LYS C 210 35.16 -3.50 7.85
C LYS C 210 36.67 -3.72 7.69
N LYS C 211 37.05 -4.37 6.59
CA LYS C 211 38.41 -4.91 6.43
C LYS C 211 39.31 -4.16 5.46
N SER C 212 38.73 -3.32 4.61
CA SER C 212 39.50 -2.62 3.58
C SER C 212 40.11 -1.31 4.07
N ASP C 213 41.27 -0.96 3.49
N ASP C 213 41.26 -0.95 3.50
CA ASP C 213 41.94 0.30 3.76
CA ASP C 213 41.91 0.33 3.79
C ASP C 213 41.33 1.45 2.94
C ASP C 213 41.34 1.46 2.94
N GLN C 214 40.56 1.09 1.93
CA GLN C 214 39.87 2.05 1.07
C GLN C 214 38.57 2.50 1.74
N PRO C 215 38.23 3.80 1.65
CA PRO C 215 36.96 4.31 2.18
C PRO C 215 35.74 3.72 1.47
N VAL C 216 34.56 3.87 2.08
CA VAL C 216 33.31 3.33 1.54
C VAL C 216 33.01 3.78 0.11
N GLN C 217 33.34 5.03 -0.21
CA GLN C 217 33.05 5.62 -1.51
C GLN C 217 33.99 5.08 -2.61
N GLN C 218 35.19 4.68 -2.21
CA GLN C 218 36.14 4.08 -3.15
C GLN C 218 35.74 2.64 -3.46
N LEU C 219 35.27 1.92 -2.43
CA LEU C 219 34.73 0.58 -2.58
C LEU C 219 33.51 0.58 -3.49
N LYS C 220 32.72 1.66 -3.39
CA LYS C 220 31.57 1.90 -4.25
C LYS C 220 32.02 2.11 -5.70
N ASP C 221 33.05 2.93 -5.88
CA ASP C 221 33.60 3.24 -7.21
C ASP C 221 34.15 2.00 -7.90
N ASN C 222 34.74 1.10 -7.10
CA ASN C 222 35.34 -0.13 -7.61
C ASN C 222 34.37 -1.00 -8.40
N ILE C 223 33.12 -1.06 -7.95
CA ILE C 223 32.13 -1.93 -8.60
C ILE C 223 31.53 -1.29 -9.87
N VAL C 224 31.71 0.02 -10.01
CA VAL C 224 31.17 0.76 -11.16
C VAL C 224 32.07 0.63 -12.37
N SER C 225 31.69 -0.25 -13.30
CA SER C 225 32.42 -0.40 -14.56
C SER C 225 31.95 0.66 -15.54
N PRO C 226 32.90 1.34 -16.21
CA PRO C 226 32.58 2.35 -17.22
C PRO C 226 31.55 1.87 -18.24
N GLY C 227 30.42 2.58 -18.34
CA GLY C 227 29.34 2.22 -19.25
C GLY C 227 28.55 1.00 -18.83
N GLY C 228 28.78 0.54 -17.60
CA GLY C 228 28.21 -0.71 -17.11
C GLY C 228 26.83 -0.58 -16.50
N ILE C 229 26.44 -1.63 -15.77
CA ILE C 229 25.11 -1.78 -15.20
C ILE C 229 24.95 -1.00 -13.89
N THR C 230 25.96 -1.08 -13.03
CA THR C 230 25.94 -0.44 -11.71
C THR C 230 25.73 1.07 -11.81
N ALA C 231 26.43 1.70 -12.74
CA ALA C 231 26.32 3.14 -12.99
C ALA C 231 24.87 3.60 -13.15
N VAL C 232 24.10 2.83 -13.91
CA VAL C 232 22.67 3.10 -14.14
C VAL C 232 21.84 3.05 -12.85
N GLY C 233 22.10 2.04 -12.01
CA GLY C 233 21.41 1.88 -10.74
C GLY C 233 21.74 2.98 -9.74
N LEU C 234 23.02 3.36 -9.69
CA LEU C 234 23.51 4.44 -8.83
C LEU C 234 23.00 5.82 -9.23
N TYR C 235 22.85 6.02 -10.54
CA TYR C 235 22.28 7.25 -11.10
C TYR C 235 20.81 7.38 -10.74
N SER C 236 20.10 6.25 -10.74
CA SER C 236 18.69 6.18 -10.39
C SER C 236 18.48 6.57 -8.92
N LEU C 237 19.41 6.15 -8.06
CA LEU C 237 19.39 6.50 -6.65
C LEU C 237 19.60 8.00 -6.40
N GLU C 238 20.45 8.61 -7.22
CA GLU C 238 20.71 10.05 -7.15
C GLU C 238 19.50 10.84 -7.66
N LYS C 239 18.82 10.30 -8.67
CA LYS C 239 17.61 10.90 -9.22
C LYS C 239 16.53 11.04 -8.16
N ASN C 240 16.35 9.99 -7.36
CA ASN C 240 15.31 9.94 -6.34
C ASN C 240 15.81 10.32 -4.94
N SER C 241 16.97 10.96 -4.90
CA SER C 241 17.57 11.50 -3.65
C SER C 241 17.71 10.46 -2.54
N PHE C 242 18.32 9.33 -2.86
CA PHE C 242 18.51 8.23 -1.92
C PHE C 242 19.31 8.62 -0.68
N LYS C 243 20.42 9.32 -0.89
CA LYS C 243 21.31 9.72 0.20
C LYS C 243 20.60 10.67 1.18
N TYR C 244 19.94 11.70 0.64
CA TYR C 244 19.19 12.64 1.45
C TYR C 244 18.06 11.96 2.21
N THR C 245 17.34 11.06 1.54
CA THR C 245 16.23 10.32 2.15
C THR C 245 16.66 9.58 3.42
N VAL C 246 17.80 8.89 3.33
CA VAL C 246 18.37 8.16 4.46
C VAL C 246 18.81 9.14 5.55
N ASN C 248 17.77 12.31 5.99
CA ASN C 248 16.60 13.02 6.50
C ASN C 248 15.84 12.19 7.53
N ALA C 249 15.72 10.89 7.27
CA ALA C 249 15.07 9.95 8.17
C ALA C 249 15.77 9.89 9.52
N VAL C 250 17.11 9.83 9.47
CA VAL C 250 17.95 9.82 10.66
C VAL C 250 17.79 11.13 11.44
N GLU C 251 17.81 12.25 10.73
CA GLU C 251 17.68 13.57 11.35
C GLU C 251 16.30 13.78 11.98
N ALA C 252 15.25 13.30 11.29
CA ALA C 252 13.87 13.37 11.79
C ALA C 252 13.72 12.57 13.07
N ALA C 253 14.43 11.46 13.15
CA ALA C 253 14.46 10.61 14.34
C ALA C 253 15.25 11.27 15.47
N CYS C 254 16.41 11.83 15.13
CA CYS C 254 17.24 12.57 16.08
C CYS C 254 16.49 13.78 16.65
N GLU C 255 15.73 14.45 15.78
CA GLU C 255 14.86 15.58 16.14
C GLU C 255 13.79 15.15 17.14
N LYS C 256 13.18 13.98 16.90
CA LYS C 256 12.15 13.42 17.78
C LYS C 256 12.70 13.03 19.15
N SER C 257 13.93 12.51 19.17
CA SER C 257 14.59 12.11 20.41
C SER C 257 14.87 13.32 21.30
N LYS C 258 15.29 14.42 20.68
CA LYS C 258 15.56 15.68 21.39
C LYS C 258 14.28 16.34 21.89
N ALA C 259 13.21 16.20 21.12
CA ALA C 259 11.89 16.75 21.48
C ALA C 259 11.31 16.08 22.73
N GLY C 261 13.22 14.54 24.92
CA GLY C 261 14.20 14.88 25.95
C GLY C 261 14.08 16.30 26.47
N SER C 262 13.25 17.11 25.82
CA SER C 262 12.99 18.48 26.26
C SER C 262 12.05 18.53 27.45
N ILE D 5 -43.10 13.21 -36.60
CA ILE D 5 -41.97 12.23 -36.68
C ILE D 5 -41.98 11.28 -35.49
N LYS D 6 -41.41 10.09 -35.68
CA LYS D 6 -41.34 9.08 -34.64
C LYS D 6 -39.88 8.81 -34.22
N LEU D 7 -39.56 9.18 -32.99
CA LEU D 7 -38.21 9.00 -32.45
C LEU D 7 -38.02 7.63 -31.82
N GLY D 8 -36.83 7.08 -31.99
CA GLY D 8 -36.49 5.76 -31.44
C GLY D 8 -35.11 5.76 -30.79
N PHE D 9 -35.08 5.66 -29.47
CA PHE D 9 -33.84 5.69 -28.70
C PHE D 9 -33.25 4.30 -28.47
N GLY D 11 -31.00 2.26 -26.77
CA GLY D 11 -30.26 2.38 -25.52
C GLY D 11 -30.88 3.47 -24.66
N LEU D 12 -31.20 3.14 -23.42
CA LEU D 12 -31.88 4.06 -22.52
C LEU D 12 -31.14 4.12 -21.18
N GLY D 13 -29.82 4.30 -21.25
CA GLY D 13 -28.97 4.37 -20.06
C GLY D 13 -28.97 5.74 -19.42
N GLN D 14 -27.77 6.22 -19.08
CA GLN D 14 -27.63 7.52 -18.40
C GLN D 14 -27.85 8.71 -19.34
N GLY D 16 -29.13 8.17 -22.68
CA GLY D 16 -30.34 7.81 -23.41
C GLY D 16 -31.61 8.31 -22.74
N SER D 17 -31.70 8.07 -21.43
CA SER D 17 -32.85 8.51 -20.64
C SER D 17 -32.92 10.03 -20.51
N ALA D 18 -31.79 10.65 -20.20
CA ALA D 18 -31.69 12.09 -20.03
C ALA D 18 -32.13 12.85 -21.28
N LEU D 19 -31.74 12.33 -22.45
CA LEU D 19 -32.12 12.93 -23.73
C LEU D 19 -33.59 12.68 -24.08
N ALA D 20 -34.04 11.44 -23.90
CA ALA D 20 -35.42 11.05 -24.20
C ALA D 20 -36.43 11.78 -23.32
N HIS D 21 -36.11 11.89 -22.03
CA HIS D 21 -36.97 12.57 -21.06
C HIS D 21 -36.92 14.09 -21.22
N GLY D 22 -35.83 14.59 -21.81
CA GLY D 22 -35.68 16.02 -22.07
C GLY D 22 -36.58 16.50 -23.20
N ILE D 23 -36.67 15.69 -24.26
CA ILE D 23 -37.54 15.99 -25.40
C ILE D 23 -39.00 15.70 -25.06
N ALA D 24 -39.23 14.70 -24.22
CA ALA D 24 -40.57 14.32 -23.77
C ALA D 24 -41.24 15.43 -22.96
N ASN D 25 -40.46 16.06 -22.08
CA ASN D 25 -40.95 17.18 -21.26
C ASN D 25 -41.10 18.48 -22.05
N ALA D 26 -40.51 18.51 -23.25
CA ALA D 26 -40.56 19.68 -24.12
C ALA D 26 -41.87 19.75 -24.92
N ASN D 27 -42.53 18.61 -25.08
CA ASN D 27 -43.79 18.50 -25.82
C ASN D 27 -43.72 19.09 -27.25
N ILE D 28 -43.04 18.37 -28.13
CA ILE D 28 -42.90 18.77 -29.53
C ILE D 28 -43.18 17.62 -30.51
N ILE D 29 -42.87 16.40 -30.06
CA ILE D 29 -43.05 15.19 -30.85
C ILE D 29 -43.84 14.13 -30.10
N LEU D 34 -42.76 8.42 -29.13
CA LEU D 34 -41.43 8.20 -28.58
C LEU D 34 -41.22 6.74 -28.20
N PHE D 35 -40.20 6.12 -28.79
CA PHE D 35 -39.93 4.70 -28.60
C PHE D 35 -38.50 4.43 -28.13
N TYR D 36 -38.27 3.25 -27.56
CA TYR D 36 -36.95 2.83 -27.10
C TYR D 36 -36.79 1.32 -27.08
N TYR D 37 -35.54 0.86 -27.12
CA TYR D 37 -35.20 -0.54 -26.83
C TYR D 37 -33.95 -0.65 -25.95
N GLY D 38 -33.98 -1.61 -25.04
CA GLY D 38 -32.83 -2.01 -24.25
C GLY D 38 -32.94 -3.49 -23.90
N PRO D 39 -31.80 -4.12 -23.53
CA PRO D 39 -31.81 -5.52 -23.11
C PRO D 39 -32.63 -5.75 -21.84
N SER D 40 -32.92 -4.66 -21.13
CA SER D 40 -33.80 -4.67 -19.97
C SER D 40 -34.74 -3.47 -20.03
N LYS D 41 -36.00 -3.68 -19.67
CA LYS D 41 -37.00 -2.62 -19.65
C LYS D 41 -36.66 -1.57 -18.58
N LYS D 42 -36.91 -0.31 -18.92
CA LYS D 42 -36.52 0.81 -18.05
C LYS D 42 -37.74 1.51 -17.47
N THR D 44 -39.54 4.31 -17.50
CA THR D 44 -39.63 5.44 -18.42
C THR D 44 -41.03 5.57 -19.01
N THR D 45 -41.36 6.79 -19.46
CA THR D 45 -42.65 7.09 -20.08
C THR D 45 -42.67 6.69 -21.56
N LEU D 46 -41.49 6.46 -22.13
CA LEU D 46 -41.36 6.07 -23.53
C LEU D 46 -41.84 4.64 -23.79
N ASN D 47 -42.36 4.41 -24.99
CA ASN D 47 -42.92 3.11 -25.37
C ASN D 47 -41.85 2.09 -25.74
N TYR D 48 -41.87 0.95 -25.06
CA TYR D 48 -40.90 -0.13 -25.29
C TYR D 48 -41.13 -0.82 -26.63
N SER D 50 -39.65 -4.21 -29.19
CA SER D 50 -39.07 -5.56 -29.09
C SER D 50 -37.58 -5.65 -29.42
N SER D 51 -37.13 -4.87 -30.40
CA SER D 51 -35.73 -4.89 -30.83
C SER D 51 -35.32 -3.56 -31.49
N ASN D 52 -34.02 -3.41 -31.71
CA ASN D 52 -33.49 -2.24 -32.43
C ASN D 52 -33.90 -2.22 -33.90
N GLU D 53 -34.02 -3.41 -34.48
CA GLU D 53 -34.42 -3.57 -35.87
C GLU D 53 -35.85 -3.10 -36.12
N GLU D 54 -36.74 -3.35 -35.15
CA GLU D 54 -38.14 -2.95 -35.25
C GLU D 54 -38.31 -1.44 -35.52
N LEU D 55 -38.94 -1.14 -36.65
CA LEU D 55 -39.11 0.24 -37.12
C LEU D 55 -40.28 0.92 -36.42
N ILE D 61 -36.94 9.16 -37.20
CA ILE D 61 -35.60 9.52 -36.74
C ILE D 61 -35.12 8.55 -35.66
N ILE D 62 -33.91 8.01 -35.84
CA ILE D 62 -33.36 6.99 -34.95
C ILE D 62 -32.14 7.52 -34.17
N VAL D 63 -32.18 7.36 -32.85
CA VAL D 63 -31.08 7.78 -31.98
C VAL D 63 -30.28 6.59 -31.49
N CYS D 64 -28.98 6.58 -31.80
CA CYS D 64 -28.08 5.54 -31.31
C CYS D 64 -27.42 5.99 -30.01
N ALA D 65 -27.95 5.49 -28.89
CA ALA D 65 -27.53 5.94 -27.56
C ALA D 65 -26.80 4.85 -26.75
N VAL D 66 -26.13 3.94 -27.46
CA VAL D 66 -25.37 2.88 -26.80
C VAL D 66 -23.88 3.26 -26.64
N LYS D 67 -23.18 2.51 -25.79
CA LYS D 67 -21.73 2.66 -25.62
C LYS D 67 -20.99 2.35 -26.93
N PRO D 68 -19.90 3.09 -27.21
CA PRO D 68 -19.16 2.98 -28.48
C PRO D 68 -18.56 1.61 -28.78
N ASP D 69 -18.31 0.80 -27.75
CA ASP D 69 -17.69 -0.52 -27.92
C ASP D 69 -18.66 -1.56 -28.50
N ILE D 70 -19.95 -1.33 -28.32
CA ILE D 70 -20.99 -2.23 -28.85
C ILE D 70 -21.76 -1.60 -30.02
N ALA D 71 -21.50 -0.32 -30.28
CA ALA D 71 -22.19 0.43 -31.34
C ALA D 71 -21.93 -0.12 -32.74
N GLY D 72 -20.79 -0.82 -32.91
CA GLY D 72 -20.40 -1.40 -34.19
C GLY D 72 -21.35 -2.49 -34.67
N SER D 73 -21.65 -3.44 -33.79
CA SER D 73 -22.56 -4.54 -34.11
C SER D 73 -24.03 -4.10 -34.09
N VAL D 74 -24.36 -3.20 -33.16
CA VAL D 74 -25.72 -2.69 -32.98
C VAL D 74 -26.21 -1.92 -34.22
N LEU D 75 -25.33 -1.10 -34.79
CA LEU D 75 -25.66 -0.34 -36.00
C LEU D 75 -25.62 -1.22 -37.26
N ASN D 76 -24.82 -2.28 -37.20
CA ASN D 76 -24.70 -3.23 -38.31
C ASN D 76 -25.95 -4.10 -38.48
N ASN D 77 -26.71 -4.26 -37.40
CA ASN D 77 -27.96 -5.02 -37.43
C ASN D 77 -29.12 -4.24 -38.05
N ILE D 78 -29.13 -2.93 -37.83
CA ILE D 78 -30.17 -2.05 -38.37
C ILE D 78 -29.78 -1.46 -39.74
N LYS D 79 -28.66 -1.94 -40.28
CA LYS D 79 -28.09 -1.46 -41.55
C LYS D 79 -29.06 -1.49 -42.75
N PRO D 80 -29.76 -2.63 -42.98
CA PRO D 80 -30.67 -2.66 -44.12
C PRO D 80 -32.04 -2.02 -43.85
N TYR D 81 -32.23 -1.49 -42.64
CA TYR D 81 -33.52 -0.93 -42.23
C TYR D 81 -33.51 0.61 -42.14
N LEU D 82 -32.37 1.21 -42.47
CA LEU D 82 -32.20 2.66 -42.33
C LEU D 82 -32.33 3.42 -43.66
N SER D 83 -33.08 2.85 -44.61
CA SER D 83 -33.30 3.48 -45.91
C SER D 83 -34.27 4.66 -45.79
N SER D 84 -33.82 5.83 -46.23
CA SER D 84 -34.59 7.08 -46.15
C SER D 84 -34.96 7.49 -44.72
N LYS D 85 -34.19 7.00 -43.75
CA LYS D 85 -34.40 7.31 -42.34
C LYS D 85 -33.21 8.08 -41.77
N LEU D 86 -33.50 9.08 -40.94
CA LEU D 86 -32.47 9.93 -40.35
C LEU D 86 -31.87 9.29 -39.09
N LEU D 87 -30.59 8.92 -39.18
CA LEU D 87 -29.86 8.35 -38.06
C LEU D 87 -29.03 9.41 -37.34
N ILE D 88 -29.35 9.65 -36.08
CA ILE D 88 -28.55 10.55 -35.24
C ILE D 88 -27.79 9.73 -34.19
N SER D 89 -26.47 9.88 -34.18
CA SER D 89 -25.62 9.17 -33.23
C SER D 89 -25.08 10.12 -32.18
N ILE D 90 -25.11 9.67 -30.92
CA ILE D 90 -24.59 10.45 -29.80
C ILE D 90 -23.37 9.77 -29.18
N CYS D 91 -22.90 8.70 -29.82
CA CYS D 91 -21.72 7.96 -29.39
C CYS D 91 -20.47 8.83 -29.41
N GLY D 92 -19.75 8.84 -28.29
CA GLY D 92 -18.53 9.61 -28.15
C GLY D 92 -17.35 8.98 -28.86
N GLY D 93 -16.62 9.80 -29.61
CA GLY D 93 -15.43 9.35 -30.34
C GLY D 93 -15.72 8.91 -31.76
N LEU D 94 -16.78 8.13 -31.93
CA LEU D 94 -17.14 7.58 -33.24
C LEU D 94 -17.64 8.65 -34.19
N ASN D 95 -16.75 9.11 -35.06
CA ASN D 95 -17.06 10.15 -36.04
C ASN D 95 -17.82 9.62 -37.24
N ILE D 96 -18.22 10.53 -38.13
CA ILE D 96 -18.97 10.19 -39.35
C ILE D 96 -18.24 9.15 -40.22
N GLY D 97 -16.91 9.26 -40.29
CA GLY D 97 -16.08 8.25 -40.97
C GLY D 97 -16.24 6.87 -40.37
N LYS D 98 -16.25 6.80 -39.04
CA LYS D 98 -16.47 5.55 -38.32
C LYS D 98 -17.93 5.07 -38.41
N LEU D 99 -18.85 6.02 -38.51
CA LEU D 99 -20.28 5.71 -38.58
C LEU D 99 -20.70 5.22 -39.97
N GLU D 100 -20.11 5.81 -41.01
CA GLU D 100 -20.38 5.40 -42.39
C GLU D 100 -19.76 4.03 -42.70
N GLU D 101 -18.78 3.63 -41.89
CA GLU D 101 -18.19 2.30 -41.97
C GLU D 101 -19.14 1.28 -41.34
N VAL D 103 -22.74 1.65 -41.07
CA VAL D 103 -24.05 1.54 -41.72
C VAL D 103 -24.02 1.79 -43.23
N GLY D 104 -22.95 2.41 -43.73
CA GLY D 104 -22.82 2.69 -45.16
C GLY D 104 -22.88 4.18 -45.48
N SER D 105 -22.21 4.56 -46.57
CA SER D 105 -22.14 5.96 -47.00
C SER D 105 -23.46 6.52 -47.51
N GLU D 106 -24.34 5.63 -47.98
CA GLU D 106 -25.61 6.02 -48.58
C GLU D 106 -26.66 6.52 -47.58
N ASN D 107 -26.44 6.21 -46.30
CA ASN D 107 -27.38 6.59 -45.23
C ASN D 107 -27.22 8.03 -44.74
N LYS D 108 -28.33 8.63 -44.31
CA LYS D 108 -28.33 9.96 -43.72
C LYS D 108 -27.88 9.90 -42.27
N ILE D 109 -26.65 10.35 -42.01
CA ILE D 109 -26.06 10.27 -40.67
C ILE D 109 -25.67 11.64 -40.12
N VAL D 110 -26.06 11.89 -38.88
CA VAL D 110 -25.72 13.13 -38.17
C VAL D 110 -25.20 12.82 -36.76
N TRP D 111 -24.01 13.32 -36.46
CA TRP D 111 -23.35 13.07 -35.18
C TRP D 111 -23.60 14.22 -34.20
N VAL D 112 -24.48 13.98 -33.24
CA VAL D 112 -24.85 14.97 -32.23
C VAL D 112 -24.21 14.62 -30.89
N PRO D 114 -24.65 15.44 -27.02
CA PRO D 114 -25.48 16.01 -25.96
C PRO D 114 -24.83 15.97 -24.57
N ASN D 115 -25.48 16.59 -23.59
CA ASN D 115 -25.13 16.42 -22.19
C ASN D 115 -26.36 16.23 -21.29
N THR D 116 -26.16 15.62 -20.12
CA THR D 116 -27.26 15.26 -19.21
C THR D 116 -28.19 16.42 -18.76
N PRO D 117 -27.64 17.65 -18.60
CA PRO D 117 -28.49 18.82 -18.31
C PRO D 117 -29.71 19.03 -19.21
N CYS D 118 -29.81 18.29 -20.31
CA CYS D 118 -30.98 18.37 -21.17
C CYS D 118 -32.22 17.76 -20.50
N LEU D 119 -31.98 16.96 -19.45
CA LEU D 119 -33.05 16.39 -18.62
C LEU D 119 -33.91 17.47 -17.98
N VAL D 120 -33.27 18.55 -17.54
CA VAL D 120 -33.96 19.71 -16.98
C VAL D 120 -34.14 20.83 -18.01
N GLY D 121 -34.06 20.46 -19.29
CA GLY D 121 -34.29 21.38 -20.39
C GLY D 121 -33.22 22.44 -20.60
N GLU D 122 -32.00 22.13 -20.16
CA GLU D 122 -30.91 23.09 -20.24
C GLU D 122 -29.63 22.45 -20.77
N GLY D 123 -29.79 21.63 -21.82
CA GLY D 123 -28.67 20.92 -22.42
C GLY D 123 -27.80 21.78 -23.32
N SER D 124 -26.64 21.24 -23.67
CA SER D 124 -25.75 21.87 -24.63
C SER D 124 -25.38 20.85 -25.70
N PHE D 125 -25.60 21.21 -26.96
CA PHE D 125 -25.43 20.28 -28.07
C PHE D 125 -24.53 20.85 -29.16
N ILE D 126 -23.76 19.96 -29.78
CA ILE D 126 -23.04 20.26 -31.01
C ILE D 126 -23.26 19.13 -32.00
N TYR D 127 -23.39 19.46 -33.29
CA TYR D 127 -23.58 18.44 -34.31
C TYR D 127 -22.86 18.70 -35.62
N CYS D 128 -22.62 17.62 -36.35
CA CYS D 128 -22.14 17.65 -37.73
C CYS D 128 -22.83 16.53 -38.48
N SER D 129 -22.95 16.68 -39.80
CA SER D 129 -23.67 15.71 -40.62
C SER D 129 -22.96 15.42 -41.95
N ASN D 130 -23.25 14.25 -42.51
CA ASN D 130 -22.67 13.83 -43.79
C ASN D 130 -23.37 14.48 -44.99
N LYS D 131 -22.94 14.09 -46.20
CA LYS D 131 -23.45 14.65 -47.44
C LYS D 131 -24.96 14.45 -47.64
N ASN D 132 -25.47 13.31 -47.19
CA ASN D 132 -26.87 12.92 -47.40
C ASN D 132 -27.88 13.66 -46.53
N VAL D 133 -27.41 14.32 -45.47
CA VAL D 133 -28.28 15.13 -44.61
C VAL D 133 -28.51 16.50 -45.22
N ASN D 134 -29.77 16.82 -45.50
CA ASN D 134 -30.15 18.08 -46.14
C ASN D 134 -30.69 19.12 -45.16
N SER D 135 -31.17 20.24 -45.69
CA SER D 135 -31.68 21.36 -44.89
C SER D 135 -32.91 21.00 -44.06
N THR D 136 -33.80 20.17 -44.62
CA THR D 136 -35.02 19.75 -43.93
C THR D 136 -34.72 18.76 -42.80
N ASP D 137 -33.68 17.95 -42.99
CA ASP D 137 -33.21 17.04 -41.95
C ASP D 137 -32.56 17.82 -40.81
N LYS D 138 -31.78 18.84 -41.16
CA LYS D 138 -31.12 19.72 -40.18
C LYS D 138 -32.14 20.56 -39.41
N LYS D 139 -33.23 20.93 -40.08
CA LYS D 139 -34.31 21.68 -39.46
C LYS D 139 -34.97 20.89 -38.33
N TYR D 140 -35.15 19.59 -38.56
CA TYR D 140 -35.67 18.69 -37.53
C TYR D 140 -34.70 18.51 -36.37
N VAL D 141 -33.43 18.24 -36.70
CA VAL D 141 -32.37 18.09 -35.70
C VAL D 141 -32.28 19.34 -34.81
N ASN D 142 -32.26 20.51 -35.44
CA ASN D 142 -32.21 21.79 -34.72
C ASN D 142 -33.39 21.99 -33.79
N ASP D 143 -34.60 21.66 -34.28
CA ASP D 143 -35.83 21.84 -33.51
C ASP D 143 -35.99 20.86 -32.35
N ILE D 144 -35.49 19.64 -32.54
CA ILE D 144 -35.54 18.60 -31.51
C ILE D 144 -34.70 18.96 -30.28
N PHE D 145 -33.53 19.55 -30.51
CA PHE D 145 -32.57 19.81 -29.45
C PHE D 145 -32.61 21.23 -28.87
N ASN D 146 -33.11 22.19 -29.66
CA ASN D 146 -33.35 23.54 -29.16
C ASN D 146 -34.53 23.61 -28.18
N SER D 147 -35.38 22.58 -28.22
CA SER D 147 -36.53 22.46 -27.33
C SER D 147 -36.11 22.15 -25.88
N CYS D 148 -34.97 21.49 -25.73
CA CYS D 148 -34.44 21.11 -24.42
C CYS D 148 -32.98 21.52 -24.25
N GLY D 149 -32.64 22.71 -24.76
CA GLY D 149 -31.29 23.23 -24.65
C GLY D 149 -30.88 24.13 -25.81
N ILE D 150 -29.58 24.23 -26.05
CA ILE D 150 -29.05 25.01 -27.18
C ILE D 150 -28.12 24.14 -28.04
N ILE D 151 -28.35 24.16 -29.34
CA ILE D 151 -27.60 23.35 -30.29
C ILE D 151 -26.82 24.20 -31.31
N HIS D 152 -25.59 23.78 -31.59
CA HIS D 152 -24.75 24.46 -32.58
C HIS D 152 -24.25 23.47 -33.63
N GLU D 153 -24.28 23.89 -34.90
CA GLU D 153 -23.65 23.09 -35.95
C GLU D 153 -22.20 23.52 -36.11
N ILE D 154 -21.29 22.58 -35.92
CA ILE D 154 -19.85 22.84 -36.00
C ILE D 154 -19.20 21.89 -36.99
N LYS D 155 -17.92 22.14 -37.29
CA LYS D 155 -17.13 21.24 -38.14
C LYS D 155 -16.96 19.89 -37.46
N GLU D 156 -16.74 18.85 -38.25
CA GLU D 156 -16.52 17.51 -37.73
C GLU D 156 -15.20 17.42 -36.94
N LYS D 157 -14.18 18.11 -37.44
CA LYS D 157 -12.87 18.16 -36.77
C LYS D 157 -12.92 18.77 -35.36
N ASP D 158 -13.90 19.63 -35.12
CA ASP D 158 -14.06 20.31 -33.84
C ASP D 158 -14.92 19.53 -32.83
N ASP D 160 -14.41 16.68 -31.28
CA ASP D 160 -13.67 16.07 -30.19
C ASP D 160 -13.44 17.04 -29.03
N ILE D 161 -13.04 18.27 -29.36
CA ILE D 161 -12.86 19.31 -28.34
C ILE D 161 -14.20 19.80 -27.79
N ALA D 162 -15.20 19.89 -28.67
CA ALA D 162 -16.55 20.27 -28.27
C ALA D 162 -17.18 19.24 -27.33
N THR D 163 -16.88 17.96 -27.55
CA THR D 163 -17.29 16.88 -26.65
C THR D 163 -16.62 17.04 -25.29
N ALA D 164 -15.30 17.27 -25.31
CA ALA D 164 -14.49 17.42 -24.10
C ALA D 164 -14.95 18.57 -23.19
N ILE D 165 -15.56 19.58 -23.80
CA ILE D 165 -16.08 20.74 -23.06
C ILE D 165 -17.58 20.60 -22.77
N SER D 166 -18.38 20.45 -23.82
CA SER D 166 -19.83 20.41 -23.68
C SER D 166 -20.37 19.07 -23.18
N GLY D 167 -19.80 17.98 -23.67
CA GLY D 167 -20.23 16.64 -23.30
C GLY D 167 -19.72 16.23 -21.92
N CYS D 168 -18.42 16.38 -21.70
CA CYS D 168 -17.78 15.99 -20.44
C CYS D 168 -17.86 17.10 -19.39
N GLY D 169 -18.07 18.32 -19.86
CA GLY D 169 -18.13 19.52 -19.02
C GLY D 169 -18.84 19.42 -17.68
N PRO D 170 -20.11 18.93 -17.68
CA PRO D 170 -20.85 18.82 -16.42
C PRO D 170 -20.08 18.13 -15.30
N ALA D 171 -19.29 17.10 -15.64
CA ALA D 171 -18.48 16.37 -14.66
C ALA D 171 -17.44 17.26 -13.98
N TYR D 172 -16.83 18.17 -14.75
CA TYR D 172 -15.87 19.12 -14.20
C TYR D 172 -16.59 20.14 -13.31
N VAL D 173 -17.80 20.53 -13.71
CA VAL D 173 -18.58 21.51 -12.98
C VAL D 173 -19.15 20.89 -11.70
N TYR D 174 -19.61 19.65 -11.78
CA TYR D 174 -20.08 18.92 -10.60
C TYR D 174 -18.96 18.77 -9.57
N LEU D 175 -17.76 18.41 -10.03
CA LEU D 175 -16.59 18.30 -9.17
C LEU D 175 -16.16 19.64 -8.59
N PHE D 176 -16.31 20.70 -9.38
CA PHE D 176 -16.08 22.07 -8.95
C PHE D 176 -17.03 22.44 -7.80
N ILE D 177 -18.32 22.20 -8.02
CA ILE D 177 -19.34 22.41 -7.00
C ILE D 177 -19.05 21.54 -5.76
N GLU D 178 -18.72 20.28 -6.01
CA GLU D 178 -18.37 19.31 -4.98
C GLU D 178 -17.22 19.81 -4.08
N SER D 179 -16.18 20.35 -4.71
CA SER D 179 -14.98 20.82 -4.00
C SER D 179 -15.24 22.09 -3.19
N LEU D 180 -16.04 23.00 -3.74
CA LEU D 180 -16.44 24.23 -3.05
C LEU D 180 -17.31 23.95 -1.82
N ILE D 181 -18.24 23.00 -1.96
CA ILE D 181 -19.10 22.58 -0.85
C ILE D 181 -18.25 21.99 0.29
N ASP D 182 -17.32 21.10 -0.07
CA ASP D 182 -16.42 20.45 0.88
C ASP D 182 -15.57 21.46 1.66
N ALA D 183 -15.13 22.51 0.97
CA ALA D 183 -14.33 23.57 1.57
C ALA D 183 -15.14 24.35 2.61
N GLY D 184 -16.40 24.62 2.28
CA GLY D 184 -17.33 25.26 3.21
C GLY D 184 -17.60 24.39 4.42
N VAL D 185 -17.86 23.10 4.19
CA VAL D 185 -18.11 22.15 5.27
C VAL D 185 -16.89 22.04 6.19
N LYS D 186 -15.71 21.94 5.61
CA LYS D 186 -14.46 21.85 6.38
C LYS D 186 -14.29 23.01 7.35
N ASN D 187 -14.72 24.20 6.94
CA ASN D 187 -14.49 25.41 7.72
C ASN D 187 -15.71 25.93 8.50
N GLY D 188 -16.66 25.04 8.77
CA GLY D 188 -17.75 25.33 9.70
C GLY D 188 -19.17 25.39 9.15
N LEU D 189 -19.30 25.54 7.84
CA LEU D 189 -20.61 25.67 7.21
C LEU D 189 -21.31 24.32 7.05
N SER D 190 -22.64 24.33 7.11
CA SER D 190 -23.43 23.13 6.84
C SER D 190 -23.42 22.86 5.34
N ARG D 191 -23.55 21.59 4.98
CA ARG D 191 -23.53 21.16 3.59
C ARG D 191 -24.64 21.81 2.76
N GLU D 192 -25.82 21.94 3.36
CA GLU D 192 -26.98 22.55 2.70
C GLU D 192 -26.77 24.03 2.40
N LEU D 193 -26.19 24.76 3.36
CA LEU D 193 -25.90 26.18 3.19
C LEU D 193 -24.75 26.39 2.20
N SER D 194 -23.69 25.59 2.34
CA SER D 194 -22.56 25.62 1.41
C SER D 194 -23.04 25.43 -0.03
N LYS D 195 -23.94 24.47 -0.24
CA LYS D 195 -24.51 24.19 -1.55
C LYS D 195 -25.30 25.38 -2.08
N ASN D 196 -26.17 25.94 -1.24
CA ASN D 196 -26.98 27.11 -1.60
C ASN D 196 -26.12 28.29 -2.05
N LEU D 197 -25.08 28.60 -1.27
CA LEU D 197 -24.16 29.70 -1.57
C LEU D 197 -23.33 29.43 -2.84
N VAL D 198 -22.87 28.20 -3.00
CA VAL D 198 -22.06 27.80 -4.17
C VAL D 198 -22.86 27.93 -5.48
N LEU D 199 -24.06 27.36 -5.50
CA LEU D 199 -24.90 27.35 -6.69
C LEU D 199 -25.34 28.75 -7.12
N GLN D 200 -25.64 29.62 -6.14
CA GLN D 200 -26.02 30.99 -6.40
C GLN D 200 -24.83 31.83 -6.88
N THR D 201 -23.68 31.62 -6.23
CA THR D 201 -22.44 32.29 -6.62
C THR D 201 -22.08 31.99 -8.07
N ILE D 202 -22.23 30.73 -8.47
CA ILE D 202 -21.96 30.31 -9.85
C ILE D 202 -23.03 30.84 -10.82
N LYS D 203 -24.29 30.80 -10.39
CA LYS D 203 -25.41 31.32 -11.21
C LYS D 203 -25.25 32.80 -11.52
N GLY D 204 -24.81 33.57 -10.53
CA GLY D 204 -24.56 35.00 -10.70
C GLY D 204 -23.37 35.30 -11.58
N SER D 205 -22.32 34.48 -11.44
CA SER D 205 -21.10 34.63 -12.23
C SER D 205 -21.32 34.35 -13.71
N VAL D 206 -22.04 33.27 -14.00
CA VAL D 206 -22.39 32.91 -15.37
C VAL D 206 -23.24 34.01 -16.02
N GLU D 207 -24.16 34.55 -15.25
CA GLU D 207 -25.04 35.62 -15.71
C GLU D 207 -24.27 36.93 -15.93
N VAL D 209 -21.10 37.07 -17.01
CA VAL D 209 -20.27 36.90 -18.20
C VAL D 209 -21.06 37.16 -19.49
N LYS D 210 -22.26 36.58 -19.58
CA LYS D 210 -23.07 36.70 -20.79
C LYS D 210 -23.74 38.07 -20.95
N LYS D 211 -23.87 38.81 -19.85
CA LYS D 211 -24.52 40.12 -19.87
C LYS D 211 -23.55 41.29 -19.94
N SER D 212 -22.40 41.16 -19.27
CA SER D 212 -21.39 42.21 -19.23
C SER D 212 -20.63 42.35 -20.55
N ASP D 213 -20.29 43.59 -20.89
CA ASP D 213 -19.50 43.87 -22.09
C ASP D 213 -18.00 43.69 -21.82
N GLN D 214 -17.65 43.65 -20.54
CA GLN D 214 -16.27 43.37 -20.10
C GLN D 214 -15.94 41.89 -20.29
N PRO D 215 -14.67 41.57 -20.64
CA PRO D 215 -14.25 40.16 -20.71
C PRO D 215 -14.25 39.49 -19.33
N VAL D 216 -14.17 38.16 -19.33
CA VAL D 216 -14.25 37.36 -18.09
C VAL D 216 -13.11 37.66 -17.10
N GLN D 217 -11.93 37.99 -17.64
CA GLN D 217 -10.77 38.30 -16.80
C GLN D 217 -10.91 39.66 -16.12
N GLN D 218 -11.59 40.59 -16.79
CA GLN D 218 -11.85 41.91 -16.22
C GLN D 218 -12.88 41.81 -15.10
N LEU D 219 -13.89 40.96 -15.30
CA LEU D 219 -14.88 40.66 -14.27
C LEU D 219 -14.22 40.01 -13.05
N LYS D 220 -13.15 39.25 -13.30
CA LYS D 220 -12.35 38.64 -12.25
C LYS D 220 -11.49 39.68 -11.52
N ASP D 221 -11.03 40.68 -12.26
CA ASP D 221 -10.20 41.75 -11.70
C ASP D 221 -11.01 42.68 -10.78
N ASN D 222 -12.30 42.85 -11.11
CA ASN D 222 -13.21 43.71 -10.34
C ASN D 222 -13.46 43.22 -8.92
N ILE D 223 -13.36 41.91 -8.72
CA ILE D 223 -13.65 41.31 -7.42
C ILE D 223 -12.42 41.29 -6.51
N VAL D 224 -11.25 41.52 -7.10
CA VAL D 224 -10.00 41.54 -6.35
C VAL D 224 -9.77 42.92 -5.72
N SER D 225 -10.09 43.04 -4.44
CA SER D 225 -9.80 44.25 -3.67
C SER D 225 -8.30 44.28 -3.36
N PRO D 226 -7.64 45.42 -3.63
CA PRO D 226 -6.22 45.58 -3.29
C PRO D 226 -5.93 45.25 -1.83
N GLY D 227 -5.03 44.30 -1.61
CA GLY D 227 -4.68 43.84 -0.26
C GLY D 227 -5.76 43.00 0.42
N GLY D 228 -6.75 42.58 -0.36
CA GLY D 228 -7.94 41.94 0.18
C GLY D 228 -7.92 40.42 0.28
N ILE D 229 -9.11 39.85 0.38
CA ILE D 229 -9.31 38.43 0.66
C ILE D 229 -9.24 37.58 -0.62
N THR D 230 -9.95 38.03 -1.65
CA THR D 230 -10.00 37.35 -2.95
C THR D 230 -8.59 37.13 -3.55
N ALA D 231 -7.75 38.16 -3.45
CA ALA D 231 -6.38 38.12 -3.96
C ALA D 231 -5.55 36.96 -3.40
N VAL D 232 -5.87 36.54 -2.18
CA VAL D 232 -5.17 35.45 -1.51
C VAL D 232 -5.64 34.09 -2.01
N GLY D 233 -6.96 33.94 -2.21
CA GLY D 233 -7.52 32.72 -2.77
C GLY D 233 -7.12 32.51 -4.22
N LEU D 234 -7.12 33.61 -4.98
CA LEU D 234 -6.74 33.59 -6.39
C LEU D 234 -5.25 33.30 -6.58
N TYR D 235 -4.45 33.74 -5.61
CA TYR D 235 -3.02 33.43 -5.54
C TYR D 235 -2.79 31.94 -5.30
N SER D 236 -3.64 31.37 -4.45
CA SER D 236 -3.60 29.94 -4.13
C SER D 236 -3.90 29.07 -5.35
N LEU D 237 -4.84 29.51 -6.17
CA LEU D 237 -5.17 28.83 -7.44
C LEU D 237 -4.00 28.87 -8.43
N GLU D 238 -3.29 29.99 -8.49
CA GLU D 238 -2.12 30.12 -9.36
C GLU D 238 -0.97 29.23 -8.88
N LYS D 239 -0.83 29.11 -7.57
CA LYS D 239 0.17 28.24 -6.96
C LYS D 239 -0.01 26.78 -7.38
N ASN D 240 -1.26 26.33 -7.35
CA ASN D 240 -1.58 24.93 -7.65
C ASN D 240 -1.98 24.68 -9.10
N SER D 241 -1.59 25.61 -9.98
CA SER D 241 -1.82 25.52 -11.42
C SER D 241 -3.27 25.19 -11.79
N PHE D 242 -4.20 25.97 -11.24
CA PHE D 242 -5.64 25.76 -11.46
C PHE D 242 -6.03 25.78 -12.94
N LYS D 243 -5.51 26.77 -13.68
CA LYS D 243 -5.83 26.91 -15.10
C LYS D 243 -5.32 25.71 -15.91
N TYR D 244 -4.06 25.35 -15.70
CA TYR D 244 -3.47 24.19 -16.36
C TYR D 244 -4.25 22.91 -16.05
N THR D 245 -4.64 22.74 -14.79
CA THR D 245 -5.40 21.57 -14.34
C THR D 245 -6.71 21.41 -15.13
N VAL D 246 -7.45 22.49 -15.28
CA VAL D 246 -8.69 22.50 -16.04
C VAL D 246 -8.41 22.26 -17.52
N ASN D 248 -5.70 20.81 -18.87
CA ASN D 248 -5.13 19.48 -19.05
C ASN D 248 -6.20 18.40 -19.09
N ALA D 249 -7.23 18.58 -18.26
CA ALA D 249 -8.39 17.68 -18.20
C ALA D 249 -9.19 17.67 -19.50
N VAL D 250 -9.45 18.87 -20.02
CA VAL D 250 -10.19 19.04 -21.27
C VAL D 250 -9.40 18.44 -22.44
N GLU D 251 -8.10 18.69 -22.45
CA GLU D 251 -7.22 18.17 -23.49
C GLU D 251 -7.08 16.64 -23.42
N ALA D 252 -7.01 16.10 -22.20
CA ALA D 252 -6.95 14.65 -21.99
C ALA D 252 -8.19 13.96 -22.53
N ALA D 253 -9.36 14.55 -22.25
CA ALA D 253 -10.63 14.07 -22.78
C ALA D 253 -10.66 14.18 -24.32
N CYS D 254 -10.15 15.29 -24.84
CA CYS D 254 -10.08 15.54 -26.28
C CYS D 254 -9.20 14.49 -26.98
N GLU D 255 -8.08 14.15 -26.35
CA GLU D 255 -7.18 13.11 -26.83
C GLU D 255 -7.87 11.74 -26.87
N LYS D 256 -8.68 11.46 -25.84
CA LYS D 256 -9.43 10.20 -25.75
C LYS D 256 -10.48 10.07 -26.86
N SER D 257 -11.17 11.18 -27.14
CA SER D 257 -12.20 11.20 -28.17
C SER D 257 -11.63 10.92 -29.56
N LYS D 258 -10.47 11.50 -29.85
CA LYS D 258 -9.77 11.28 -31.12
C LYS D 258 -9.20 9.88 -31.23
N ALA D 259 -8.76 9.32 -30.11
CA ALA D 259 -8.20 7.98 -30.06
C ALA D 259 -9.25 6.91 -30.39
N GLY D 261 -11.90 7.61 -32.14
CA GLY D 261 -12.28 7.91 -33.52
C GLY D 261 -11.26 7.47 -34.55
N SER D 262 -10.07 7.06 -34.08
CA SER D 262 -9.02 6.56 -34.94
C SER D 262 -9.29 5.11 -35.34
N LEU E 7 -10.77 -33.00 -9.76
CA LEU E 7 -10.19 -31.63 -9.73
C LEU E 7 -8.68 -31.71 -9.51
N GLY E 8 -7.92 -31.11 -10.42
CA GLY E 8 -6.46 -31.17 -10.37
C GLY E 8 -5.78 -29.82 -10.47
N PHE E 9 -4.84 -29.57 -9.56
CA PHE E 9 -4.11 -28.31 -9.53
C PHE E 9 -2.68 -28.47 -10.04
N GLY E 11 0.61 -26.90 -10.19
CA GLY E 11 1.28 -25.87 -9.42
C GLY E 11 0.50 -25.60 -8.15
N LEU E 12 1.19 -25.59 -7.02
CA LEU E 12 0.55 -25.41 -5.73
C LEU E 12 1.29 -24.35 -4.90
N GLY E 13 1.42 -23.17 -5.50
CA GLY E 13 2.06 -22.03 -4.85
C GLY E 13 1.11 -21.25 -3.96
N GLN E 14 1.34 -19.94 -3.86
CA GLN E 14 0.53 -19.08 -2.99
C GLN E 14 -0.94 -19.02 -3.40
N GLY E 16 -2.29 -21.24 -5.81
CA GLY E 16 -2.67 -22.65 -5.92
C GLY E 16 -3.17 -23.22 -4.61
N SER E 17 -2.37 -23.07 -3.56
CA SER E 17 -2.72 -23.56 -2.21
C SER E 17 -3.97 -22.88 -1.65
N ALA E 18 -4.07 -21.56 -1.85
CA ALA E 18 -5.22 -20.79 -1.40
C ALA E 18 -6.52 -21.27 -2.07
N LEU E 19 -6.46 -21.47 -3.39
CA LEU E 19 -7.62 -21.93 -4.15
C LEU E 19 -7.96 -23.39 -3.83
N ALA E 20 -6.93 -24.22 -3.72
CA ALA E 20 -7.09 -25.65 -3.42
C ALA E 20 -7.76 -25.89 -2.07
N HIS E 21 -7.23 -25.24 -1.03
CA HIS E 21 -7.75 -25.41 0.33
C HIS E 21 -9.09 -24.70 0.54
N GLY E 22 -9.36 -23.69 -0.28
CA GLY E 22 -10.65 -23.01 -0.26
C GLY E 22 -11.79 -23.91 -0.70
N ILE E 23 -11.55 -24.68 -1.76
CA ILE E 23 -12.51 -25.65 -2.27
C ILE E 23 -12.62 -26.86 -1.35
N ALA E 24 -11.49 -27.29 -0.81
CA ALA E 24 -11.42 -28.43 0.11
C ALA E 24 -12.22 -28.20 1.40
N ASN E 25 -12.13 -26.98 1.94
CA ASN E 25 -12.88 -26.61 3.15
C ASN E 25 -14.38 -26.44 2.89
N ALA E 26 -14.73 -26.22 1.62
CA ALA E 26 -16.12 -26.03 1.22
C ALA E 26 -16.89 -27.35 1.13
N ASN E 27 -16.18 -28.44 0.90
CA ASN E 27 -16.73 -29.79 0.76
C ASN E 27 -17.79 -29.93 -0.35
N LEU E 34 -9.41 -34.55 -4.95
CA LEU E 34 -8.59 -33.37 -5.16
C LEU E 34 -7.12 -33.75 -5.31
N PHE E 35 -6.53 -33.37 -6.44
CA PHE E 35 -5.16 -33.74 -6.78
C PHE E 35 -4.29 -32.53 -7.12
N TYR E 36 -2.97 -32.70 -7.05
CA TYR E 36 -2.02 -31.64 -7.38
C TYR E 36 -0.66 -32.20 -7.83
N TYR E 37 0.08 -31.39 -8.56
CA TYR E 37 1.49 -31.65 -8.84
C TYR E 37 2.34 -30.39 -8.71
N GLY E 38 3.55 -30.57 -8.17
CA GLY E 38 4.58 -29.54 -8.15
C GLY E 38 5.96 -30.20 -8.18
N PRO E 39 7.00 -29.43 -8.57
CA PRO E 39 8.37 -29.96 -8.57
C PRO E 39 8.86 -30.33 -7.17
N SER E 40 8.15 -29.85 -6.15
CA SER E 40 8.38 -30.21 -4.76
C SER E 40 7.05 -30.46 -4.06
N LYS E 41 7.00 -31.50 -3.23
CA LYS E 41 5.79 -31.83 -2.47
C LYS E 41 5.47 -30.74 -1.46
N LYS E 42 4.18 -30.46 -1.29
CA LYS E 42 3.72 -29.36 -0.45
C LYS E 42 2.98 -29.86 0.80
N ASN E 43 3.00 -29.05 1.85
CA ASN E 43 2.26 -29.36 3.07
C ASN E 43 0.76 -29.09 2.87
N THR E 44 0.08 -30.09 2.31
CA THR E 44 -1.31 -29.95 1.89
C THR E 44 -2.13 -31.23 2.08
N THR E 45 -3.45 -31.08 2.16
CA THR E 45 -4.37 -32.21 2.31
C THR E 45 -4.67 -32.88 0.96
N LEU E 46 -4.35 -32.19 -0.12
CA LEU E 46 -4.58 -32.70 -1.48
C LEU E 46 -3.62 -33.84 -1.83
N ASN E 47 -4.09 -34.75 -2.68
CA ASN E 47 -3.34 -35.93 -3.07
C ASN E 47 -2.29 -35.63 -4.14
N TYR E 48 -1.04 -35.94 -3.85
CA TYR E 48 0.07 -35.71 -4.78
C TYR E 48 0.01 -36.65 -5.98
N SER E 50 2.24 -37.78 -9.73
CA SER E 50 3.61 -37.87 -10.25
C SER E 50 4.01 -36.79 -11.25
N SER E 51 3.05 -36.37 -12.09
CA SER E 51 3.31 -35.34 -13.11
C SER E 51 2.03 -34.61 -13.51
N ASN E 52 2.20 -33.53 -14.27
CA ASN E 52 1.07 -32.78 -14.82
C ASN E 52 0.29 -33.58 -15.86
N GLU E 53 1.01 -34.40 -16.62
CA GLU E 53 0.44 -35.25 -17.66
C GLU E 53 -0.48 -36.33 -17.06
N GLU E 54 -0.04 -36.92 -15.96
CA GLU E 54 -0.81 -37.95 -15.26
C GLU E 54 -1.93 -37.31 -14.43
N ALA E 56 -4.39 -36.65 -17.60
CA ALA E 56 -4.98 -37.93 -17.97
C ALA E 56 -5.92 -38.45 -16.88
N ARG E 57 -5.64 -38.08 -15.64
CA ARG E 57 -6.43 -38.51 -14.49
C ARG E 57 -7.78 -37.77 -14.37
N HIS E 58 -7.79 -36.51 -14.77
CA HIS E 58 -8.98 -35.67 -14.66
C HIS E 58 -9.67 -35.51 -16.01
N ILE E 61 -11.53 -31.84 -14.53
CA ILE E 61 -11.29 -30.42 -14.36
C ILE E 61 -9.83 -30.18 -13.97
N ILE E 62 -9.12 -29.44 -14.83
CA ILE E 62 -7.70 -29.17 -14.64
C ILE E 62 -7.46 -27.67 -14.41
N VAL E 63 -6.77 -27.35 -13.32
CA VAL E 63 -6.45 -25.96 -12.98
C VAL E 63 -4.99 -25.67 -13.25
N CYS E 64 -4.74 -24.64 -14.06
CA CYS E 64 -3.39 -24.20 -14.38
C CYS E 64 -2.96 -23.08 -13.43
N ALA E 65 -2.32 -23.47 -12.33
CA ALA E 65 -1.95 -22.54 -11.26
C ALA E 65 -0.46 -22.21 -11.23
N VAL E 66 0.18 -22.29 -12.39
CA VAL E 66 1.60 -21.94 -12.51
C VAL E 66 1.78 -20.49 -12.96
N LYS E 67 2.99 -19.96 -12.77
CA LYS E 67 3.35 -18.64 -13.26
C LYS E 67 3.23 -18.57 -14.79
N PRO E 68 2.82 -17.42 -15.34
CA PRO E 68 2.57 -17.26 -16.78
C PRO E 68 3.80 -17.48 -17.68
N ASP E 69 5.00 -17.27 -17.13
CA ASP E 69 6.22 -17.41 -17.91
C ASP E 69 6.57 -18.89 -18.20
N ILE E 70 6.08 -19.79 -17.37
CA ILE E 70 6.31 -21.22 -17.56
C ILE E 70 5.06 -21.99 -18.00
N ALA E 71 3.92 -21.29 -18.02
CA ALA E 71 2.64 -21.90 -18.39
C ALA E 71 2.61 -22.45 -19.82
N GLY E 72 3.33 -21.80 -20.72
CA GLY E 72 3.40 -22.20 -22.13
C GLY E 72 3.92 -23.61 -22.33
N SER E 73 5.04 -23.92 -21.69
CA SER E 73 5.66 -25.25 -21.78
C SER E 73 4.89 -26.29 -20.98
N VAL E 74 4.31 -25.85 -19.85
CA VAL E 74 3.54 -26.73 -18.97
C VAL E 74 2.21 -27.14 -19.62
N LEU E 75 1.57 -26.21 -20.32
CA LEU E 75 0.33 -26.50 -21.05
C LEU E 75 0.60 -27.26 -22.34
N ASN E 76 1.80 -27.12 -22.88
CA ASN E 76 2.24 -27.85 -24.07
C ASN E 76 2.41 -29.34 -23.77
N ASN E 77 2.84 -29.66 -22.55
CA ASN E 77 3.05 -31.02 -22.09
C ASN E 77 1.74 -31.80 -21.88
N ILE E 78 0.68 -31.09 -21.49
CA ILE E 78 -0.63 -31.70 -21.24
C ILE E 78 -1.58 -31.57 -22.44
N LYS E 79 -1.03 -31.13 -23.57
CA LYS E 79 -1.81 -30.87 -24.79
C LYS E 79 -2.58 -32.09 -25.33
N PRO E 80 -1.93 -33.27 -25.40
CA PRO E 80 -2.65 -34.45 -25.89
C PRO E 80 -3.64 -35.04 -24.88
N TYR E 81 -3.48 -34.70 -23.61
CA TYR E 81 -4.26 -35.30 -22.53
C TYR E 81 -5.49 -34.48 -22.12
N LEU E 82 -5.82 -33.46 -22.92
CA LEU E 82 -6.93 -32.55 -22.61
C LEU E 82 -8.18 -32.84 -23.43
N SER E 83 -8.27 -34.06 -23.96
CA SER E 83 -9.39 -34.48 -24.81
C SER E 83 -10.73 -34.49 -24.07
N SER E 84 -11.57 -33.52 -24.39
CA SER E 84 -12.88 -33.30 -23.74
C SER E 84 -12.82 -33.09 -22.22
N LYS E 85 -11.67 -32.62 -21.75
CA LYS E 85 -11.50 -32.22 -20.35
C LYS E 85 -11.62 -30.71 -20.23
N LEU E 86 -12.18 -30.24 -19.11
CA LEU E 86 -12.36 -28.82 -18.88
C LEU E 86 -11.13 -28.17 -18.27
N LEU E 87 -10.42 -27.38 -19.08
CA LEU E 87 -9.23 -26.68 -18.63
C LEU E 87 -9.57 -25.30 -18.08
N ILE E 88 -9.26 -25.08 -16.81
CA ILE E 88 -9.43 -23.78 -16.19
C ILE E 88 -8.05 -23.16 -15.91
N SER E 89 -7.87 -21.93 -16.37
CA SER E 89 -6.59 -21.24 -16.18
C SER E 89 -6.76 -20.04 -15.26
N ILE E 90 -5.86 -19.91 -14.29
CA ILE E 90 -5.87 -18.77 -13.38
C ILE E 90 -4.67 -17.83 -13.62
N CYS E 91 -3.89 -18.13 -14.66
CA CYS E 91 -2.71 -17.34 -15.03
C CYS E 91 -3.08 -15.90 -15.38
N GLY E 92 -2.30 -14.96 -14.84
CA GLY E 92 -2.50 -13.55 -15.10
C GLY E 92 -1.98 -13.13 -16.46
N GLY E 93 -2.78 -12.36 -17.19
CA GLY E 93 -2.41 -11.86 -18.51
C GLY E 93 -2.80 -12.78 -19.65
N LEU E 94 -2.56 -14.07 -19.48
CA LEU E 94 -2.77 -15.06 -20.55
C LEU E 94 -4.26 -15.26 -20.90
N ASN E 95 -4.71 -14.51 -21.89
CA ASN E 95 -6.10 -14.56 -22.36
C ASN E 95 -6.42 -15.82 -23.15
N ILE E 96 -7.70 -15.96 -23.53
CA ILE E 96 -8.17 -17.14 -24.26
C ILE E 96 -7.37 -17.39 -25.55
N GLY E 97 -7.14 -16.33 -26.32
CA GLY E 97 -6.33 -16.41 -27.54
C GLY E 97 -4.91 -16.89 -27.28
N LYS E 98 -4.34 -16.43 -26.17
CA LYS E 98 -3.00 -16.87 -25.73
C LYS E 98 -3.02 -18.30 -25.21
N LEU E 99 -4.15 -18.71 -24.63
CA LEU E 99 -4.31 -20.06 -24.10
C LEU E 99 -4.61 -21.07 -25.20
N GLU E 100 -5.45 -20.68 -26.17
CA GLU E 100 -5.78 -21.51 -27.33
C GLU E 100 -4.56 -21.75 -28.22
N GLU E 101 -3.57 -20.86 -28.14
CA GLU E 101 -2.30 -21.03 -28.83
C GLU E 101 -1.45 -22.09 -28.12
N VAL E 103 -2.66 -24.70 -26.03
CA VAL E 103 -3.27 -26.04 -25.97
C VAL E 103 -4.11 -26.42 -27.19
N GLY E 104 -4.46 -25.43 -28.00
CA GLY E 104 -5.33 -25.65 -29.18
C GLY E 104 -6.76 -25.25 -28.87
N SER E 105 -7.42 -24.65 -29.85
CA SER E 105 -8.80 -24.18 -29.70
C SER E 105 -9.79 -25.34 -29.60
N ILE E 109 -11.83 -24.39 -22.83
CA ILE E 109 -10.94 -23.54 -22.05
C ILE E 109 -11.72 -22.40 -21.39
N VAL E 110 -11.55 -22.29 -20.07
CA VAL E 110 -12.12 -21.19 -19.32
C VAL E 110 -11.02 -20.46 -18.54
N TRP E 111 -11.05 -19.14 -18.58
CA TRP E 111 -10.06 -18.32 -17.89
C TRP E 111 -10.69 -17.67 -16.67
N VAL E 112 -10.29 -18.13 -15.49
CA VAL E 112 -10.82 -17.65 -14.22
C VAL E 112 -9.76 -16.86 -13.47
N PRO E 114 -9.01 -15.59 -9.85
CA PRO E 114 -9.32 -15.66 -8.44
C PRO E 114 -8.50 -14.67 -7.60
N ASN E 115 -8.71 -14.72 -6.28
CA ASN E 115 -7.85 -14.04 -5.32
C ASN E 115 -7.70 -14.87 -4.06
N THR E 116 -6.63 -14.61 -3.30
CA THR E 116 -6.28 -15.43 -2.13
C THR E 116 -7.34 -15.55 -1.02
N PRO E 117 -8.16 -14.50 -0.79
CA PRO E 117 -9.27 -14.60 0.17
C PRO E 117 -10.24 -15.79 0.01
N CYS E 118 -10.10 -16.56 -1.07
CA CYS E 118 -10.91 -17.76 -1.25
C CYS E 118 -10.50 -18.86 -0.27
N LEU E 119 -9.27 -18.76 0.25
CA LEU E 119 -8.78 -19.62 1.33
C LEU E 119 -9.71 -19.62 2.54
N VAL E 120 -10.24 -18.44 2.88
CA VAL E 120 -11.21 -18.31 3.97
C VAL E 120 -12.66 -18.26 3.45
N GLY E 121 -12.85 -18.73 2.22
CA GLY E 121 -14.18 -18.85 1.61
C GLY E 121 -14.81 -17.52 1.23
N GLU E 122 -13.99 -16.50 1.05
CA GLU E 122 -14.47 -15.15 0.76
C GLU E 122 -13.74 -14.57 -0.46
N GLY E 123 -13.55 -15.41 -1.48
CA GLY E 123 -12.86 -15.02 -2.69
C GLY E 123 -13.72 -14.25 -3.66
N SER E 124 -13.06 -13.54 -4.58
CA SER E 124 -13.72 -12.82 -5.66
C SER E 124 -13.19 -13.36 -6.98
N PHE E 125 -14.10 -13.82 -7.83
CA PHE E 125 -13.74 -14.45 -9.09
C PHE E 125 -14.41 -13.77 -10.29
N ILE E 126 -13.67 -13.68 -11.38
CA ILE E 126 -14.24 -13.31 -12.69
C ILE E 126 -13.77 -14.31 -13.73
N TYR E 127 -14.64 -14.63 -14.69
CA TYR E 127 -14.29 -15.59 -15.74
C TYR E 127 -14.89 -15.29 -17.10
N CYS E 128 -14.19 -15.77 -18.13
CA CYS E 128 -14.69 -15.78 -19.50
C CYS E 128 -14.34 -17.14 -20.10
N SER E 129 -15.12 -17.56 -21.09
CA SER E 129 -14.92 -18.88 -21.70
C SER E 129 -14.91 -18.81 -23.22
N ASN E 130 -14.27 -19.79 -23.85
CA ASN E 130 -14.23 -19.89 -25.30
C ASN E 130 -15.50 -20.52 -25.89
N LYS E 131 -15.46 -20.86 -27.18
CA LYS E 131 -16.60 -21.43 -27.88
C LYS E 131 -16.92 -22.88 -27.47
N ASN E 132 -15.88 -23.62 -27.07
CA ASN E 132 -16.02 -25.03 -26.69
C ASN E 132 -16.61 -25.27 -25.29
N VAL E 133 -16.71 -24.21 -24.49
CA VAL E 133 -17.31 -24.30 -23.16
C VAL E 133 -18.80 -23.96 -23.25
N ASN E 134 -19.63 -24.94 -22.89
CA ASN E 134 -21.08 -24.78 -22.88
C ASN E 134 -21.63 -24.45 -21.49
N SER E 135 -22.96 -24.42 -21.37
CA SER E 135 -23.64 -24.07 -20.13
C SER E 135 -23.49 -25.10 -18.99
N THR E 136 -23.17 -26.34 -19.35
CA THR E 136 -22.97 -27.40 -18.35
C THR E 136 -21.59 -27.29 -17.69
N ASP E 137 -20.60 -26.86 -18.46
CA ASP E 137 -19.27 -26.58 -17.93
C ASP E 137 -19.29 -25.29 -17.11
N LYS E 138 -20.12 -24.34 -17.55
CA LYS E 138 -20.31 -23.08 -16.83
C LYS E 138 -20.99 -23.29 -15.48
N LYS E 139 -21.91 -24.26 -15.43
CA LYS E 139 -22.60 -24.63 -14.20
C LYS E 139 -21.63 -25.19 -13.17
N TYR E 140 -20.70 -26.03 -13.63
CA TYR E 140 -19.63 -26.55 -12.77
C TYR E 140 -18.64 -25.46 -12.36
N VAL E 141 -18.41 -24.51 -13.26
CA VAL E 141 -17.54 -23.38 -12.99
C VAL E 141 -18.12 -22.48 -11.90
N ASN E 142 -19.42 -22.20 -11.99
CA ASN E 142 -20.11 -21.39 -11.00
C ASN E 142 -20.21 -22.04 -9.62
N ASP E 143 -20.37 -23.36 -9.58
CA ASP E 143 -20.51 -24.10 -8.33
C ASP E 143 -19.21 -24.26 -7.57
N ILE E 144 -18.11 -24.50 -8.30
CA ILE E 144 -16.78 -24.69 -7.71
C ILE E 144 -16.31 -23.42 -6.99
N PHE E 145 -16.58 -22.26 -7.58
CA PHE E 145 -16.07 -20.99 -7.07
C PHE E 145 -17.04 -20.25 -6.16
N ASN E 146 -18.34 -20.48 -6.32
CA ASN E 146 -19.35 -19.92 -5.41
C ASN E 146 -19.38 -20.60 -4.05
N SER E 147 -18.71 -21.75 -3.94
CA SER E 147 -18.57 -22.47 -2.70
C SER E 147 -17.55 -21.80 -1.77
N CYS E 148 -16.60 -21.10 -2.37
CA CYS E 148 -15.55 -20.40 -1.62
C CYS E 148 -15.45 -18.91 -1.99
N GLY E 149 -16.56 -18.34 -2.42
CA GLY E 149 -16.63 -16.91 -2.75
C GLY E 149 -17.75 -16.52 -3.69
N ILE E 150 -17.51 -15.47 -4.47
CA ILE E 150 -18.48 -14.97 -5.44
C ILE E 150 -17.83 -14.87 -6.83
N ILE E 151 -18.50 -15.44 -7.82
CA ILE E 151 -17.98 -15.45 -9.19
C ILE E 151 -18.91 -14.70 -10.16
N HIS E 152 -18.29 -13.98 -11.10
CA HIS E 152 -19.02 -13.27 -12.15
C HIS E 152 -18.51 -13.66 -13.52
N GLU E 153 -19.43 -13.86 -14.47
CA GLU E 153 -19.06 -14.05 -15.87
C GLU E 153 -19.02 -12.70 -16.55
N ILE E 154 -17.85 -12.36 -17.10
CA ILE E 154 -17.64 -11.07 -17.75
C ILE E 154 -17.07 -11.23 -19.16
N LYS E 155 -16.99 -10.13 -19.90
CA LYS E 155 -16.36 -10.12 -21.22
C LYS E 155 -14.86 -10.34 -21.09
N GLU E 156 -14.27 -10.95 -22.11
CA GLU E 156 -12.83 -11.23 -22.12
C GLU E 156 -12.00 -9.95 -22.07
N LYS E 157 -12.48 -8.91 -22.76
CA LYS E 157 -11.82 -7.59 -22.76
C LYS E 157 -11.77 -6.94 -21.38
N ASP E 158 -12.73 -7.29 -20.53
CA ASP E 158 -12.84 -6.74 -19.18
C ASP E 158 -12.00 -7.51 -18.15
N ASP E 160 -8.77 -7.88 -17.84
CA ASP E 160 -7.54 -7.20 -17.43
C ASP E 160 -7.74 -6.18 -16.33
N ILE E 161 -8.82 -5.40 -16.42
CA ILE E 161 -9.18 -4.44 -15.37
C ILE E 161 -9.77 -5.14 -14.15
N ALA E 162 -10.55 -6.19 -14.38
CA ALA E 162 -11.12 -6.98 -13.29
C ALA E 162 -10.02 -7.65 -12.47
N THR E 163 -9.00 -8.18 -13.15
CA THR E 163 -7.80 -8.73 -12.51
C THR E 163 -7.12 -7.67 -11.65
N ALA E 164 -6.99 -6.46 -12.20
CA ALA E 164 -6.36 -5.34 -11.51
C ALA E 164 -7.07 -4.98 -10.21
N ILE E 165 -8.40 -5.09 -10.21
CA ILE E 165 -9.21 -4.78 -9.02
C ILE E 165 -9.39 -6.00 -8.12
N SER E 166 -9.86 -7.10 -8.69
CA SER E 166 -10.25 -8.27 -7.90
C SER E 166 -9.07 -9.17 -7.54
N GLY E 167 -8.21 -9.46 -8.50
CA GLY E 167 -7.04 -10.31 -8.28
C GLY E 167 -5.93 -9.65 -7.50
N CYS E 168 -5.57 -8.42 -7.90
CA CYS E 168 -4.52 -7.65 -7.24
C CYS E 168 -5.06 -6.92 -6.02
N GLY E 169 -6.36 -6.65 -6.03
CA GLY E 169 -7.04 -5.87 -5.01
C GLY E 169 -6.68 -6.10 -3.56
N PRO E 170 -6.60 -7.39 -3.13
CA PRO E 170 -6.29 -7.63 -1.72
C PRO E 170 -4.98 -6.98 -1.27
N ALA E 171 -3.98 -6.99 -2.16
CA ALA E 171 -2.68 -6.37 -1.87
C ALA E 171 -2.79 -4.86 -1.62
N TYR E 172 -3.68 -4.20 -2.37
CA TYR E 172 -3.97 -2.78 -2.14
C TYR E 172 -4.61 -2.58 -0.78
N VAL E 173 -5.56 -3.45 -0.44
CA VAL E 173 -6.25 -3.40 0.85
C VAL E 173 -5.30 -3.73 2.00
N TYR E 174 -4.46 -4.75 1.83
CA TYR E 174 -3.48 -5.12 2.86
C TYR E 174 -2.55 -3.95 3.19
N LEU E 175 -2.08 -3.26 2.16
CA LEU E 175 -1.23 -2.08 2.33
C LEU E 175 -2.00 -0.93 2.97
N PHE E 176 -3.28 -0.80 2.60
CA PHE E 176 -4.17 0.18 3.21
C PHE E 176 -4.33 -0.07 4.70
N ILE E 177 -4.60 -1.31 5.06
CA ILE E 177 -4.69 -1.77 6.46
C ILE E 177 -3.36 -1.53 7.19
N GLU E 178 -2.26 -1.92 6.53
CA GLU E 178 -0.90 -1.77 7.03
C GLU E 178 -0.56 -0.31 7.35
N SER E 179 -0.96 0.60 6.45
CA SER E 179 -0.66 2.02 6.58
C SER E 179 -1.47 2.66 7.72
N LEU E 180 -2.72 2.24 7.86
CA LEU E 180 -3.61 2.72 8.92
C LEU E 180 -3.14 2.28 10.31
N ILE E 181 -2.61 1.07 10.41
CA ILE E 181 -2.03 0.55 11.67
C ILE E 181 -0.77 1.33 12.03
N ASP E 182 0.11 1.53 11.04
CA ASP E 182 1.34 2.30 11.20
C ASP E 182 1.11 3.72 11.73
N ALA E 183 0.01 4.32 11.30
CA ALA E 183 -0.37 5.66 11.71
C ALA E 183 -0.83 5.67 13.16
N GLY E 184 -1.50 4.59 13.57
CA GLY E 184 -1.94 4.41 14.95
C GLY E 184 -0.78 4.17 15.89
N VAL E 185 0.14 3.30 15.47
CA VAL E 185 1.35 3.01 16.24
C VAL E 185 2.19 4.27 16.44
N LYS E 186 2.41 5.02 15.36
CA LYS E 186 3.23 6.23 15.40
C LYS E 186 2.73 7.27 16.40
N ASN E 187 1.40 7.36 16.55
CA ASN E 187 0.80 8.36 17.42
C ASN E 187 0.30 7.83 18.78
N GLY E 188 0.85 6.71 19.22
CA GLY E 188 0.62 6.24 20.60
C GLY E 188 -0.05 4.90 20.81
N LEU E 189 -0.89 4.48 19.85
CA LEU E 189 -1.63 3.22 20.00
C LEU E 189 -0.74 1.98 19.85
N SER E 190 -1.14 0.90 20.52
CA SER E 190 -0.47 -0.39 20.34
C SER E 190 -0.83 -0.96 18.97
N ARG E 191 0.04 -1.80 18.44
CA ARG E 191 -0.17 -2.41 17.12
C ARG E 191 -1.43 -3.27 17.09
N GLU E 192 -1.67 -4.01 18.18
CA GLU E 192 -2.83 -4.88 18.31
C GLU E 192 -4.16 -4.10 18.32
N LEU E 193 -4.22 -3.04 19.12
CA LEU E 193 -5.41 -2.19 19.19
C LEU E 193 -5.66 -1.46 17.87
N SER E 194 -4.57 -0.98 17.26
CA SER E 194 -4.62 -0.34 15.94
C SER E 194 -5.24 -1.26 14.90
N LYS E 195 -4.83 -2.53 14.93
CA LYS E 195 -5.36 -3.55 14.01
C LYS E 195 -6.86 -3.76 14.21
N ASN E 196 -7.27 -3.96 15.46
CA ASN E 196 -8.67 -4.19 15.81
C ASN E 196 -9.58 -3.05 15.37
N LEU E 197 -9.14 -1.81 15.59
CA LEU E 197 -9.90 -0.63 15.22
C LEU E 197 -9.98 -0.45 13.71
N VAL E 198 -8.88 -0.74 13.02
CA VAL E 198 -8.83 -0.61 11.55
C VAL E 198 -9.76 -1.62 10.86
N LEU E 199 -9.67 -2.88 11.28
CA LEU E 199 -10.45 -3.96 10.66
C LEU E 199 -11.95 -3.79 10.88
N GLN E 200 -12.33 -3.32 12.07
CA GLN E 200 -13.73 -3.08 12.41
C GLN E 200 -14.28 -1.86 11.67
N THR E 201 -13.43 -0.85 11.50
CA THR E 201 -13.79 0.36 10.76
C THR E 201 -14.04 0.05 9.28
N ILE E 202 -13.17 -0.75 8.69
CA ILE E 202 -13.32 -1.17 7.30
C ILE E 202 -14.54 -2.09 7.13
N LYS E 203 -14.68 -3.05 8.04
CA LYS E 203 -15.82 -3.96 8.07
C LYS E 203 -17.14 -3.19 8.11
N GLY E 204 -17.20 -2.20 8.99
CA GLY E 204 -18.38 -1.37 9.16
C GLY E 204 -18.70 -0.52 7.94
N SER E 205 -17.66 0.01 7.30
CA SER E 205 -17.82 0.88 6.13
C SER E 205 -18.31 0.13 4.90
N VAL E 206 -17.75 -1.05 4.65
CA VAL E 206 -18.18 -1.92 3.55
C VAL E 206 -19.64 -2.33 3.74
N GLU E 207 -19.99 -2.66 4.98
CA GLU E 207 -21.35 -3.04 5.34
C GLU E 207 -22.34 -1.90 5.09
N VAL E 209 -21.95 0.49 2.77
CA VAL E 209 -22.05 0.67 1.32
C VAL E 209 -23.13 -0.24 0.72
N LYS E 210 -23.03 -1.55 0.97
CA LYS E 210 -23.96 -2.52 0.36
C LYS E 210 -25.38 -2.50 0.95
N LYS E 211 -25.53 -1.94 2.15
CA LYS E 211 -26.84 -1.87 2.79
C LYS E 211 -27.57 -0.55 2.52
N SER E 212 -26.81 0.54 2.41
CA SER E 212 -27.40 1.88 2.27
C SER E 212 -27.97 2.16 0.88
N ASP E 213 -29.03 2.97 0.86
CA ASP E 213 -29.61 3.47 -0.38
C ASP E 213 -28.85 4.70 -0.90
N GLN E 214 -28.05 5.31 -0.01
CA GLN E 214 -27.18 6.44 -0.36
C GLN E 214 -25.92 5.94 -1.08
N PRO E 215 -25.45 6.69 -2.09
CA PRO E 215 -24.17 6.38 -2.73
C PRO E 215 -22.99 6.55 -1.78
N VAL E 216 -21.88 5.88 -2.09
CA VAL E 216 -20.69 5.88 -1.23
C VAL E 216 -20.16 7.29 -0.90
N GLN E 217 -20.28 8.23 -1.83
CA GLN E 217 -19.83 9.60 -1.64
C GLN E 217 -20.68 10.34 -0.61
N GLN E 218 -21.97 10.05 -0.60
CA GLN E 218 -22.89 10.63 0.38
C GLN E 218 -22.65 10.06 1.77
N LEU E 219 -22.27 8.79 1.83
CA LEU E 219 -21.88 8.15 3.10
C LEU E 219 -20.58 8.75 3.63
N LYS E 220 -19.70 9.13 2.70
CA LYS E 220 -18.47 9.85 3.01
C LYS E 220 -18.77 11.27 3.51
N ASP E 221 -19.79 11.91 2.94
CA ASP E 221 -20.20 13.25 3.35
C ASP E 221 -20.82 13.28 4.75
N ASN E 222 -21.50 12.18 5.12
CA ASN E 222 -22.20 12.08 6.41
C ASN E 222 -21.27 12.10 7.61
N ILE E 223 -20.03 11.66 7.40
CA ILE E 223 -19.04 11.60 8.47
C ILE E 223 -18.28 12.92 8.64
N VAL E 224 -18.45 13.82 7.68
CA VAL E 224 -17.79 15.12 7.72
C VAL E 224 -18.64 16.12 8.49
N SER E 225 -18.37 16.24 9.79
CA SER E 225 -19.01 17.24 10.63
C SER E 225 -18.38 18.59 10.32
N PRO E 226 -19.22 19.60 10.00
CA PRO E 226 -18.75 20.95 9.67
C PRO E 226 -17.74 21.50 10.68
N GLY E 227 -16.56 21.88 10.19
CA GLY E 227 -15.49 22.41 11.03
C GLY E 227 -14.82 21.35 11.89
N GLY E 228 -14.93 20.09 11.47
CA GLY E 228 -14.51 18.97 12.31
C GLY E 228 -13.20 18.30 11.94
N ILE E 229 -12.97 17.15 12.57
CA ILE E 229 -11.71 16.41 12.49
C ILE E 229 -11.55 15.66 11.15
N THR E 230 -12.62 14.99 10.72
CA THR E 230 -12.62 14.19 9.50
C THR E 230 -12.31 15.04 8.27
N ALA E 231 -12.90 16.25 8.24
CA ALA E 231 -12.67 17.20 7.16
C ALA E 231 -11.18 17.46 6.92
N VAL E 232 -10.41 17.56 8.00
CA VAL E 232 -8.97 17.75 7.93
C VAL E 232 -8.25 16.51 7.37
N GLY E 233 -8.73 15.33 7.75
CA GLY E 233 -8.20 14.07 7.25
C GLY E 233 -8.43 13.87 5.76
N LEU E 234 -9.64 14.18 5.30
CA LEU E 234 -9.97 14.09 3.87
C LEU E 234 -9.23 15.12 3.03
N TYR E 235 -9.08 16.32 3.58
CA TYR E 235 -8.33 17.41 2.95
C TYR E 235 -6.87 17.00 2.73
N SER E 236 -6.32 16.28 3.70
CA SER E 236 -4.97 15.74 3.60
C SER E 236 -4.85 14.67 2.51
N LEU E 237 -5.89 13.86 2.34
CA LEU E 237 -5.94 12.84 1.29
C LEU E 237 -6.03 13.47 -0.10
N GLU E 238 -6.79 14.55 -0.20
CA GLU E 238 -6.93 15.30 -1.44
C GLU E 238 -5.61 16.00 -1.82
N LYS E 239 -4.91 16.50 -0.81
CA LYS E 239 -3.62 17.16 -1.00
C LYS E 239 -2.62 16.22 -1.68
N ASN E 240 -2.46 15.02 -1.12
CA ASN E 240 -1.51 14.04 -1.60
C ASN E 240 -2.05 13.12 -2.71
N SER E 241 -3.20 13.50 -3.27
CA SER E 241 -3.83 12.79 -4.39
C SER E 241 -4.09 11.31 -4.14
N PHE E 242 -4.75 11.01 -3.02
CA PHE E 242 -5.07 9.65 -2.61
C PHE E 242 -5.87 8.89 -3.68
N LYS E 243 -6.87 9.56 -4.23
CA LYS E 243 -7.77 8.98 -5.23
C LYS E 243 -7.03 8.61 -6.52
N TYR E 244 -6.22 9.55 -7.02
CA TYR E 244 -5.40 9.31 -8.21
C TYR E 244 -4.40 8.19 -7.99
N THR E 245 -3.79 8.16 -6.80
CA THR E 245 -2.83 7.13 -6.41
C THR E 245 -3.43 5.73 -6.56
N VAL E 246 -4.63 5.55 -6.01
CA VAL E 246 -5.35 4.28 -6.06
C VAL E 246 -5.71 3.93 -7.51
N ASN E 248 -4.33 5.12 -10.31
CA ASN E 248 -3.10 4.93 -11.09
C ASN E 248 -2.49 3.54 -10.86
N ALA E 249 -2.64 3.02 -9.65
CA ALA E 249 -2.14 1.70 -9.28
C ALA E 249 -2.92 0.59 -9.97
N VAL E 250 -4.24 0.74 -10.02
CA VAL E 250 -5.12 -0.20 -10.70
C VAL E 250 -4.85 -0.20 -12.20
N GLU E 251 -4.70 0.99 -12.77
CA GLU E 251 -4.44 1.16 -14.20
C GLU E 251 -3.07 0.62 -14.62
N ALA E 252 -2.08 0.75 -13.73
CA ALA E 252 -0.75 0.20 -13.97
C ALA E 252 -0.79 -1.32 -14.02
N ALA E 253 -1.55 -1.91 -13.10
CA ALA E 253 -1.76 -3.36 -13.07
C ALA E 253 -2.55 -3.84 -14.29
N CYS E 254 -3.59 -3.08 -14.65
CA CYS E 254 -4.41 -3.39 -15.83
C CYS E 254 -3.57 -3.33 -17.12
N GLU E 255 -2.66 -2.36 -17.17
CA GLU E 255 -1.75 -2.18 -18.30
C GLU E 255 -0.77 -3.35 -18.41
N LYS E 256 -0.26 -3.81 -17.27
CA LYS E 256 0.64 -4.96 -17.21
C LYS E 256 -0.06 -6.26 -17.64
N SER E 257 -1.33 -6.38 -17.24
CA SER E 257 -2.16 -7.52 -17.62
C SER E 257 -2.36 -7.61 -19.14
N LYS E 258 -2.57 -6.46 -19.77
CA LYS E 258 -2.73 -6.37 -21.21
C LYS E 258 -1.41 -6.57 -21.95
N ALA E 259 -0.31 -6.18 -21.32
CA ALA E 259 1.03 -6.31 -21.90
C ALA E 259 1.44 -7.78 -22.01
N GLY E 261 -0.68 -10.23 -22.03
CA GLY E 261 -1.68 -10.83 -22.92
C GLY E 261 -1.43 -10.56 -24.40
N SER E 262 -0.51 -9.65 -24.69
CA SER E 262 -0.12 -9.33 -26.06
C SER E 262 0.88 -10.36 -26.60
#